data_7FDP
#
_entry.id   7FDP
#
_cell.length_a   73.802
_cell.length_b   89.274
_cell.length_c   124.657
_cell.angle_alpha   90.000
_cell.angle_beta   90.000
_cell.angle_gamma   90.000
#
_symmetry.space_group_name_H-M   'P 21 21 21'
#
loop_
_entity.id
_entity.type
_entity.pdbx_description
1 polymer 'Insecticidal protein'
2 water water
#
_entity_poly.entity_id   1
_entity_poly.type   'polypeptide(L)'
_entity_poly.pdbx_seq_one_letter_code
;SHTENVLDIRTIVANEYAVKTSALEWDVTDIVKNAIIGGISFIPSVGPAISFLVGLFWPQSKENIWEGIVKQIERMIEES
ALKTIKGILAGDIAYIQERMATVADLLDKHPGSEEARSAFNNLAENIDGYHKKFNNFSDDVNYQILPMFSTTVMMQITYW
VAGLERKDEIGLSNIDIEKVRGLIKKTVEQANSYINNIYDRELNDALNNSTADTVANNVMSVHGHCRLHGIEYISIWDRL
SEAESVNNRIYVDVLSYSTFFDRQTAKARIQALTPEKDMTPPLKPALNGGKRRKIDSLTGHIVRIGGAARVGGLTVVFDD
GSRHQLGTISSETSSISLNGSRITSLEVWGNGAVDQAVFTLRDGRSLSLGSPGTSRYRKFHVGESHYIAGIYLSSDYSPL
AGQAANIAVSYQLINDDEK
;
_entity_poly.pdbx_strand_id   A,B
#
# COMPACT_ATOMS: atom_id res chain seq x y z
N ALA A 14 20.01 14.23 9.37
CA ALA A 14 21.11 15.19 9.41
C ALA A 14 21.56 15.56 8.00
N ASN A 15 22.43 14.75 7.42
CA ASN A 15 23.03 15.06 6.13
C ASN A 15 22.78 14.00 5.05
N GLU A 16 23.13 12.73 5.30
CA GLU A 16 23.00 11.68 4.28
C GLU A 16 21.54 11.53 3.85
N TYR A 17 21.30 11.75 2.57
CA TYR A 17 19.93 11.73 2.07
C TYR A 17 19.33 10.33 2.14
N ALA A 18 18.03 10.27 2.43
CA ALA A 18 17.27 9.04 2.46
C ALA A 18 15.90 9.31 1.83
N VAL A 19 15.49 8.45 0.91
CA VAL A 19 14.23 8.65 0.21
C VAL A 19 13.08 8.64 1.21
N LYS A 20 12.18 9.61 1.07
CA LYS A 20 11.09 9.82 2.02
C LYS A 20 9.75 9.34 1.49
N THR A 21 9.70 8.78 0.28
CA THR A 21 8.44 8.36 -0.32
C THR A 21 8.49 6.89 -0.74
N SER A 22 7.48 6.45 -1.49
CA SER A 22 7.34 5.03 -1.82
C SER A 22 8.51 4.54 -2.67
N ALA A 23 8.92 3.30 -2.40
CA ALA A 23 9.99 2.70 -3.20
C ALA A 23 9.54 2.45 -4.64
N LEU A 24 8.26 2.19 -4.84
CA LEU A 24 7.69 1.95 -6.16
C LEU A 24 6.79 3.12 -6.55
N GLU A 25 6.38 3.13 -7.81
CA GLU A 25 5.64 4.25 -8.39
C GLU A 25 4.17 3.87 -8.50
N TRP A 26 3.30 4.80 -8.07
CA TRP A 26 1.87 4.55 -7.96
C TRP A 26 1.14 5.84 -8.30
N ASP A 27 -0.15 5.70 -8.62
CA ASP A 27 -0.99 6.86 -8.87
C ASP A 27 -2.44 6.48 -8.55
N VAL A 28 -3.00 7.15 -7.54
CA VAL A 28 -4.41 6.98 -7.21
C VAL A 28 -5.29 7.95 -8.00
N THR A 29 -4.70 9.01 -8.55
CA THR A 29 -5.45 10.05 -9.24
C THR A 29 -5.38 9.86 -10.76
N ASP A 30 -4.93 8.69 -11.23
CA ASP A 30 -4.75 8.49 -12.66
C ASP A 30 -6.07 8.44 -13.41
N ILE A 31 -7.14 7.93 -12.78
CA ILE A 31 -8.46 7.94 -13.42
C ILE A 31 -8.94 9.37 -13.61
N VAL A 32 -8.67 10.24 -12.65
CA VAL A 32 -9.04 11.65 -12.79
C VAL A 32 -8.27 12.29 -13.93
N LYS A 33 -6.93 12.12 -13.93
CA LYS A 33 -6.11 12.73 -14.97
C LYS A 33 -6.54 12.29 -16.37
N ASN A 34 -6.81 10.99 -16.54
CA ASN A 34 -7.18 10.48 -17.85
C ASN A 34 -8.48 11.12 -18.34
N ALA A 35 -9.51 11.14 -17.50
CA ALA A 35 -10.77 11.75 -17.88
C ALA A 35 -10.59 13.22 -18.24
N ILE A 36 -9.74 13.94 -17.50
CA ILE A 36 -9.57 15.38 -17.74
C ILE A 36 -8.89 15.62 -19.09
N ILE A 37 -7.78 14.92 -19.35
CA ILE A 37 -7.06 15.15 -20.60
C ILE A 37 -7.83 14.64 -21.81
N GLY A 38 -8.85 13.79 -21.60
CA GLY A 38 -9.71 13.40 -22.70
C GLY A 38 -10.83 14.38 -22.99
N GLY A 39 -11.17 15.24 -22.03
CA GLY A 39 -12.22 16.22 -22.21
C GLY A 39 -13.60 15.65 -21.97
N ILE A 40 -14.55 16.56 -21.76
CA ILE A 40 -15.95 16.17 -21.56
C ILE A 40 -16.83 16.93 -22.54
N SER A 41 -16.45 16.93 -23.82
CA SER A 41 -17.28 17.55 -24.84
C SER A 41 -18.63 16.87 -24.98
N PHE A 42 -18.75 15.62 -24.53
CA PHE A 42 -20.01 14.88 -24.57
C PHE A 42 -20.99 15.30 -23.48
N ILE A 43 -20.59 16.21 -22.59
CA ILE A 43 -21.47 16.71 -21.54
C ILE A 43 -21.75 18.18 -21.79
N PRO A 44 -22.89 18.53 -22.40
CA PRO A 44 -23.14 19.93 -22.74
C PRO A 44 -23.65 20.76 -21.57
N SER A 45 -24.37 20.13 -20.64
CA SER A 45 -25.02 20.85 -19.56
C SER A 45 -24.11 20.94 -18.34
N VAL A 46 -24.17 22.08 -17.65
CA VAL A 46 -23.23 22.35 -16.56
C VAL A 46 -23.54 21.47 -15.35
N GLY A 47 -24.82 21.20 -15.10
CA GLY A 47 -25.21 20.33 -14.01
C GLY A 47 -24.57 18.96 -14.09
N PRO A 48 -24.83 18.24 -15.19
CA PRO A 48 -24.12 16.97 -15.42
C PRO A 48 -22.60 17.12 -15.45
N ALA A 49 -22.09 18.26 -15.93
CA ALA A 49 -20.64 18.45 -15.95
C ALA A 49 -20.07 18.51 -14.54
N ILE A 50 -20.73 19.24 -13.63
CA ILE A 50 -20.27 19.28 -12.25
C ILE A 50 -20.45 17.93 -11.58
N SER A 51 -21.55 17.24 -11.87
CA SER A 51 -21.75 15.90 -11.31
C SER A 51 -20.69 14.94 -11.81
N PHE A 52 -20.27 15.08 -13.08
CA PHE A 52 -19.22 14.23 -13.61
C PHE A 52 -17.91 14.45 -12.86
N LEU A 53 -17.62 15.71 -12.51
CA LEU A 53 -16.44 15.98 -11.69
C LEU A 53 -16.56 15.33 -10.33
N VAL A 54 -17.73 15.42 -9.69
CA VAL A 54 -17.94 14.82 -8.38
C VAL A 54 -17.68 13.31 -8.45
N GLY A 55 -18.10 12.67 -9.54
CA GLY A 55 -17.87 11.25 -9.71
C GLY A 55 -16.41 10.87 -9.87
N LEU A 56 -15.56 11.83 -10.22
CA LEU A 56 -14.12 11.56 -10.38
C LEU A 56 -13.41 11.59 -9.03
N PHE A 57 -13.66 12.63 -8.23
CA PHE A 57 -12.94 12.82 -6.97
C PHE A 57 -13.58 12.08 -5.81
N TRP A 58 -14.90 11.90 -5.83
CA TRP A 58 -15.63 11.15 -4.81
C TRP A 58 -16.42 10.05 -5.51
N PRO A 59 -15.75 9.02 -6.00
CA PRO A 59 -16.45 7.97 -6.76
C PRO A 59 -17.52 7.30 -5.92
N GLN A 60 -18.63 6.97 -6.57
CA GLN A 60 -19.79 6.43 -5.86
C GLN A 60 -19.45 5.08 -5.24
N SER A 61 -19.88 4.89 -4.00
CA SER A 61 -19.74 3.63 -3.28
C SER A 61 -18.28 3.21 -3.14
N LYS A 62 -17.37 4.18 -3.10
CA LYS A 62 -15.95 3.93 -2.95
C LYS A 62 -15.35 5.01 -2.07
N GLU A 63 -14.09 4.82 -1.69
CA GLU A 63 -13.36 5.86 -1.01
C GLU A 63 -12.99 6.96 -2.00
N ASN A 64 -12.96 8.20 -1.50
CA ASN A 64 -12.57 9.30 -2.38
C ASN A 64 -11.07 9.27 -2.64
N ILE A 65 -10.62 10.15 -3.53
CA ILE A 65 -9.23 10.11 -3.97
C ILE A 65 -8.28 10.45 -2.84
N TRP A 66 -8.67 11.40 -1.98
CA TRP A 66 -7.81 11.77 -0.85
C TRP A 66 -7.61 10.59 0.09
N GLU A 67 -8.70 9.89 0.43
CA GLU A 67 -8.59 8.69 1.27
C GLU A 67 -7.73 7.62 0.59
N GLY A 68 -7.89 7.47 -0.73
CA GLY A 68 -7.09 6.49 -1.44
C GLY A 68 -5.60 6.81 -1.42
N ILE A 69 -5.26 8.10 -1.50
CA ILE A 69 -3.85 8.48 -1.38
C ILE A 69 -3.34 8.18 0.02
N VAL A 70 -4.13 8.50 1.05
CA VAL A 70 -3.71 8.26 2.42
C VAL A 70 -3.40 6.79 2.65
N LYS A 71 -4.26 5.90 2.13
CA LYS A 71 -4.03 4.46 2.32
C LYS A 71 -2.72 4.02 1.69
N GLN A 72 -2.24 4.73 0.68
CA GLN A 72 -1.00 4.33 0.01
C GLN A 72 0.25 4.82 0.75
N ILE A 73 0.18 5.97 1.43
CA ILE A 73 1.35 6.63 1.96
C ILE A 73 1.37 6.71 3.48
N GLU A 74 0.31 6.26 4.15
CA GLU A 74 0.21 6.53 5.59
C GLU A 74 1.27 5.81 6.40
N ARG A 75 1.79 4.69 5.90
CA ARG A 75 2.84 3.96 6.62
C ARG A 75 4.11 4.79 6.79
N MET A 76 4.31 5.80 5.95
CA MET A 76 5.51 6.63 5.99
C MET A 76 5.28 8.00 6.63
N ILE A 77 4.05 8.33 6.99
CA ILE A 77 3.72 9.64 7.55
C ILE A 77 3.83 9.57 9.07
N GLU A 78 4.55 10.53 9.66
CA GLU A 78 4.63 10.65 11.11
C GLU A 78 3.23 10.77 11.71
N GLU A 79 3.05 10.19 12.90
CA GLU A 79 1.71 9.93 13.42
C GLU A 79 0.93 11.21 13.68
N SER A 80 1.56 12.21 14.29
CA SER A 80 0.84 13.44 14.61
C SER A 80 0.40 14.16 13.34
N ALA A 81 1.26 14.17 12.31
CA ALA A 81 0.86 14.76 11.04
C ALA A 81 -0.25 13.95 10.38
N LEU A 82 -0.18 12.62 10.46
CA LEU A 82 -1.20 11.78 9.83
C LEU A 82 -2.57 12.00 10.47
N LYS A 83 -2.61 12.17 11.79
CA LYS A 83 -3.88 12.43 12.47
C LYS A 83 -4.49 13.74 12.01
N THR A 84 -3.67 14.78 11.84
CA THR A 84 -4.17 16.04 11.31
C THR A 84 -4.72 15.87 9.89
N ILE A 85 -4.01 15.10 9.06
CA ILE A 85 -4.44 14.91 7.68
C ILE A 85 -5.78 14.19 7.63
N LYS A 86 -5.92 13.13 8.42
CA LYS A 86 -7.18 12.39 8.44
C LYS A 86 -8.33 13.25 8.95
N GLY A 87 -8.05 14.16 9.88
CA GLY A 87 -9.09 15.06 10.34
C GLY A 87 -9.57 16.00 9.25
N ILE A 88 -8.64 16.46 8.40
CA ILE A 88 -9.02 17.32 7.28
C ILE A 88 -9.94 16.57 6.32
N LEU A 89 -9.61 15.32 6.01
CA LEU A 89 -10.45 14.53 5.12
C LEU A 89 -11.82 14.27 5.74
N ALA A 90 -11.86 14.07 7.06
CA ALA A 90 -13.12 13.74 7.72
C ALA A 90 -14.08 14.91 7.74
N GLY A 91 -13.55 16.14 7.78
CA GLY A 91 -14.40 17.31 7.83
C GLY A 91 -14.45 18.08 6.52
N ASP A 92 -13.39 18.84 6.23
CA ASP A 92 -13.41 19.75 5.09
C ASP A 92 -13.72 19.03 3.78
N ILE A 93 -13.00 17.93 3.51
CA ILE A 93 -13.21 17.22 2.26
C ILE A 93 -14.61 16.65 2.18
N ALA A 94 -15.15 16.19 3.32
CA ALA A 94 -16.51 15.65 3.32
C ALA A 94 -17.54 16.74 3.03
N TYR A 95 -17.31 17.96 3.52
CA TYR A 95 -18.26 19.04 3.29
C TYR A 95 -18.34 19.42 1.81
N ILE A 96 -17.20 19.36 1.11
CA ILE A 96 -17.17 19.76 -0.30
C ILE A 96 -17.94 18.77 -1.15
N GLN A 97 -17.79 17.47 -0.86
CA GLN A 97 -18.53 16.47 -1.62
C GLN A 97 -20.02 16.75 -1.56
N GLU A 98 -20.55 16.98 -0.36
CA GLU A 98 -21.98 17.22 -0.21
C GLU A 98 -22.39 18.53 -0.89
N ARG A 99 -21.57 19.58 -0.74
CA ARG A 99 -21.92 20.87 -1.33
C ARG A 99 -21.83 20.83 -2.85
N MET A 100 -20.76 20.24 -3.39
CA MET A 100 -20.63 20.17 -4.85
C MET A 100 -21.72 19.29 -5.46
N ALA A 101 -22.06 18.18 -4.81
CA ALA A 101 -23.20 17.40 -5.27
C ALA A 101 -24.47 18.23 -5.26
N THR A 102 -24.67 19.04 -4.22
CA THR A 102 -25.84 19.90 -4.15
C THR A 102 -25.83 20.93 -5.27
N VAL A 103 -24.67 21.56 -5.51
CA VAL A 103 -24.56 22.54 -6.59
C VAL A 103 -24.85 21.88 -7.93
N ALA A 104 -24.34 20.65 -8.14
CA ALA A 104 -24.57 19.97 -9.40
C ALA A 104 -26.04 19.67 -9.62
N ASP A 105 -26.76 19.32 -8.54
CA ASP A 105 -28.18 19.00 -8.68
C ASP A 105 -29.01 20.25 -8.94
N LEU A 106 -28.69 21.36 -8.27
CA LEU A 106 -29.42 22.60 -8.49
C LEU A 106 -29.22 23.11 -9.91
N LEU A 107 -27.99 23.01 -10.43
CA LEU A 107 -27.75 23.40 -11.81
C LEU A 107 -28.43 22.46 -12.79
N ASP A 108 -28.60 21.19 -12.41
CA ASP A 108 -29.31 20.25 -13.27
C ASP A 108 -30.80 20.55 -13.30
N LYS A 109 -31.41 20.79 -12.14
CA LYS A 109 -32.85 21.00 -12.08
C LYS A 109 -33.24 22.38 -12.60
N HIS A 110 -32.48 23.41 -12.23
CA HIS A 110 -32.80 24.80 -12.57
C HIS A 110 -31.56 25.46 -13.14
N PRO A 111 -31.30 25.29 -14.44
CA PRO A 111 -30.00 25.71 -15.00
C PRO A 111 -29.72 27.21 -14.90
N GLY A 112 -30.71 28.06 -15.16
CA GLY A 112 -30.47 29.49 -15.18
C GLY A 112 -30.91 30.26 -13.96
N SER A 113 -31.37 29.57 -12.90
CA SER A 113 -31.97 30.25 -11.77
C SER A 113 -30.91 30.92 -10.90
N GLU A 114 -31.36 31.93 -10.13
CA GLU A 114 -30.49 32.59 -9.18
C GLU A 114 -30.08 31.65 -8.06
N GLU A 115 -30.98 30.74 -7.66
CA GLU A 115 -30.67 29.78 -6.61
C GLU A 115 -29.46 28.92 -6.98
N ALA A 116 -29.44 28.41 -8.22
CA ALA A 116 -28.33 27.56 -8.63
C ALA A 116 -27.05 28.37 -8.81
N ARG A 117 -27.17 29.57 -9.38
CA ARG A 117 -26.00 30.41 -9.60
C ARG A 117 -25.37 30.84 -8.28
N SER A 118 -26.20 31.25 -7.31
CA SER A 118 -25.66 31.61 -6.00
C SER A 118 -24.92 30.44 -5.36
N ALA A 119 -25.48 29.23 -5.46
CA ALA A 119 -24.81 28.06 -4.89
C ALA A 119 -23.47 27.82 -5.57
N PHE A 120 -23.39 27.98 -6.90
CA PHE A 120 -22.13 27.78 -7.59
C PHE A 120 -21.10 28.82 -7.16
N ASN A 121 -21.49 30.10 -7.18
CA ASN A 121 -20.57 31.16 -6.80
C ASN A 121 -20.11 31.03 -5.35
N ASN A 122 -21.04 30.68 -4.45
CA ASN A 122 -20.66 30.51 -3.05
C ASN A 122 -19.67 29.37 -2.87
N LEU A 123 -19.93 28.24 -3.51
CA LEU A 123 -18.99 27.12 -3.44
C LEU A 123 -17.68 27.47 -4.14
N ALA A 124 -17.75 28.24 -5.23
CA ALA A 124 -16.54 28.67 -5.91
C ALA A 124 -15.65 29.49 -4.98
N GLU A 125 -16.27 30.31 -4.12
CA GLU A 125 -15.51 31.11 -3.18
C GLU A 125 -14.94 30.25 -2.06
N ASN A 126 -15.73 29.28 -1.58
CA ASN A 126 -15.34 28.54 -0.39
C ASN A 126 -14.22 27.54 -0.65
N ILE A 127 -14.09 27.04 -1.88
CA ILE A 127 -12.99 26.13 -2.17
C ILE A 127 -11.67 26.85 -2.42
N ASP A 128 -11.69 28.18 -2.44
CA ASP A 128 -10.47 28.97 -2.61
C ASP A 128 -9.55 28.72 -1.42
N GLY A 129 -8.41 28.08 -1.67
CA GLY A 129 -7.41 27.87 -0.65
C GLY A 129 -7.38 26.50 -0.01
N TYR A 130 -8.22 25.56 -0.45
CA TYR A 130 -8.14 24.23 0.13
C TYR A 130 -6.81 23.55 -0.17
N HIS A 131 -6.16 23.92 -1.27
CA HIS A 131 -4.86 23.34 -1.58
C HIS A 131 -3.84 23.65 -0.50
N LYS A 132 -3.96 24.81 0.15
CA LYS A 132 -3.03 25.18 1.20
C LYS A 132 -3.18 24.33 2.45
N LYS A 133 -4.29 23.61 2.59
CA LYS A 133 -4.44 22.67 3.69
C LYS A 133 -3.47 21.50 3.58
N PHE A 134 -2.88 21.26 2.40
CA PHE A 134 -1.99 20.13 2.20
C PHE A 134 -0.55 20.58 1.90
N ASN A 135 -0.21 21.83 2.20
CA ASN A 135 1.19 22.24 2.21
C ASN A 135 1.49 23.12 3.41
N ASN A 136 0.77 22.90 4.52
CA ASN A 136 0.92 23.65 5.76
C ASN A 136 1.57 22.80 6.85
N PHE A 137 2.41 21.86 6.47
CA PHE A 137 3.09 20.98 7.40
C PHE A 137 4.59 21.25 7.34
N SER A 138 5.37 20.37 7.97
CA SER A 138 6.81 20.41 7.81
C SER A 138 7.19 20.16 6.36
N ASP A 139 8.41 20.58 6.01
CA ASP A 139 8.88 20.43 4.64
C ASP A 139 8.82 18.97 4.19
N ASP A 140 9.14 18.03 5.08
CA ASP A 140 9.15 16.62 4.70
C ASP A 140 7.73 16.10 4.49
N VAL A 141 6.81 16.44 5.39
CA VAL A 141 5.43 15.97 5.24
C VAL A 141 4.80 16.61 4.00
N ASN A 142 5.08 17.90 3.77
CA ASN A 142 4.63 18.57 2.54
C ASN A 142 5.06 17.78 1.31
N TYR A 143 6.33 17.37 1.27
CA TYR A 143 6.85 16.64 0.11
C TYR A 143 6.14 15.29 -0.04
N GLN A 144 5.87 14.61 1.08
CA GLN A 144 5.26 13.30 1.01
C GLN A 144 3.83 13.37 0.48
N ILE A 145 3.07 14.37 0.90
CA ILE A 145 1.67 14.49 0.54
C ILE A 145 1.48 15.36 -0.71
N LEU A 146 2.54 15.55 -1.50
CA LEU A 146 2.39 16.27 -2.77
C LEU A 146 1.23 15.78 -3.63
N PRO A 147 1.00 14.47 -3.81
CA PRO A 147 -0.19 14.05 -4.57
C PRO A 147 -1.50 14.53 -3.96
N MET A 148 -1.54 14.72 -2.64
CA MET A 148 -2.74 15.26 -2.01
C MET A 148 -2.94 16.74 -2.36
N PHE A 149 -1.85 17.51 -2.36
CA PHE A 149 -1.92 18.90 -2.77
C PHE A 149 -2.37 19.02 -4.22
N SER A 150 -1.72 18.27 -5.12
CA SER A 150 -2.01 18.39 -6.54
C SER A 150 -3.42 17.91 -6.87
N THR A 151 -3.92 16.90 -6.16
CA THR A 151 -5.31 16.47 -6.35
C THR A 151 -6.26 17.58 -5.95
N THR A 152 -6.00 18.26 -4.83
CA THR A 152 -6.87 19.34 -4.39
C THR A 152 -6.86 20.49 -5.38
N VAL A 153 -5.69 20.81 -5.95
CA VAL A 153 -5.62 21.87 -6.95
C VAL A 153 -6.46 21.50 -8.17
N MET A 154 -6.37 20.24 -8.62
CA MET A 154 -7.12 19.85 -9.80
C MET A 154 -8.62 19.93 -9.55
N MET A 155 -9.06 19.54 -8.35
CA MET A 155 -10.47 19.68 -7.99
C MET A 155 -10.92 21.13 -8.07
N GLN A 156 -10.07 22.05 -7.60
CA GLN A 156 -10.42 23.47 -7.65
C GLN A 156 -10.51 23.96 -9.09
N ILE A 157 -9.48 23.67 -9.90
CA ILE A 157 -9.41 24.23 -11.25
C ILE A 157 -10.53 23.65 -12.12
N THR A 158 -10.78 22.34 -12.01
CA THR A 158 -11.80 21.73 -12.86
C THR A 158 -13.19 22.25 -12.53
N TYR A 159 -13.47 22.50 -11.25
CA TYR A 159 -14.77 23.06 -10.88
C TYR A 159 -14.92 24.49 -11.39
N TRP A 160 -13.91 25.32 -11.16
CA TRP A 160 -13.98 26.72 -11.61
C TRP A 160 -14.08 26.81 -13.13
N VAL A 161 -13.22 26.07 -13.84
CA VAL A 161 -13.18 26.19 -15.30
C VAL A 161 -14.43 25.62 -15.94
N ALA A 162 -14.97 24.53 -15.39
CA ALA A 162 -16.17 23.95 -15.95
C ALA A 162 -17.35 24.92 -15.86
N GLY A 163 -17.47 25.63 -14.74
CA GLY A 163 -18.51 26.63 -14.63
C GLY A 163 -18.24 27.86 -15.48
N LEU A 164 -16.97 28.28 -15.54
CA LEU A 164 -16.61 29.44 -16.35
C LEU A 164 -16.83 29.17 -17.83
N GLU A 165 -16.53 27.96 -18.28
CA GLU A 165 -16.75 27.61 -19.69
C GLU A 165 -18.24 27.68 -20.03
N ARG A 166 -19.10 27.31 -19.09
CA ARG A 166 -20.55 27.32 -19.28
C ARG A 166 -21.19 28.49 -18.54
N LYS A 167 -20.54 29.66 -18.61
CA LYS A 167 -21.04 30.83 -17.89
C LYS A 167 -22.37 31.32 -18.43
N ASP A 168 -22.67 31.06 -19.69
CA ASP A 168 -23.95 31.49 -20.24
C ASP A 168 -25.11 30.68 -19.68
N GLU A 169 -24.91 29.38 -19.51
CA GLU A 169 -25.96 28.53 -18.95
C GLU A 169 -26.18 28.83 -17.46
N ILE A 170 -25.11 29.13 -16.73
CA ILE A 170 -25.25 29.50 -15.33
C ILE A 170 -25.88 30.89 -15.22
N GLY A 171 -25.55 31.78 -16.15
CA GLY A 171 -25.98 33.15 -16.04
C GLY A 171 -25.06 34.03 -15.22
N LEU A 172 -23.76 33.72 -15.22
CA LEU A 172 -22.82 34.48 -14.40
C LEU A 172 -22.74 35.92 -14.87
N SER A 173 -22.68 36.84 -13.91
CA SER A 173 -22.44 38.24 -14.22
C SER A 173 -20.95 38.45 -14.53
N ASN A 174 -20.63 39.64 -15.03
CA ASN A 174 -19.24 39.97 -15.31
C ASN A 174 -18.40 39.99 -14.05
N ILE A 175 -18.99 40.39 -12.92
CA ILE A 175 -18.28 40.36 -11.65
C ILE A 175 -18.01 38.92 -11.23
N ASP A 176 -18.99 38.03 -11.39
CA ASP A 176 -18.77 36.61 -11.09
C ASP A 176 -17.71 36.01 -12.00
N ILE A 177 -17.74 36.38 -13.28
CA ILE A 177 -16.79 35.82 -14.24
C ILE A 177 -15.36 36.23 -13.89
N GLU A 178 -15.17 37.52 -13.60
CA GLU A 178 -13.83 38.00 -13.28
C GLU A 178 -13.32 37.43 -11.96
N LYS A 179 -14.22 37.18 -11.01
CA LYS A 179 -13.78 36.60 -9.74
C LYS A 179 -13.30 35.17 -9.91
N VAL A 180 -14.04 34.36 -10.68
CA VAL A 180 -13.61 32.99 -10.91
C VAL A 180 -12.30 32.96 -11.69
N ARG A 181 -12.14 33.88 -12.65
CA ARG A 181 -10.89 33.96 -13.41
C ARG A 181 -9.70 34.23 -12.49
N GLY A 182 -9.83 35.23 -11.61
CA GLY A 182 -8.74 35.53 -10.70
C GLY A 182 -8.40 34.37 -9.79
N LEU A 183 -9.41 33.61 -9.37
CA LEU A 183 -9.15 32.42 -8.55
C LEU A 183 -8.34 31.39 -9.32
N ILE A 184 -8.73 31.13 -10.58
CA ILE A 184 -8.01 30.16 -11.40
C ILE A 184 -6.56 30.60 -11.60
N LYS A 185 -6.36 31.88 -11.95
CA LYS A 185 -5.02 32.39 -12.22
C LYS A 185 -4.15 32.34 -10.97
N LYS A 186 -4.67 32.84 -9.85
CA LYS A 186 -3.89 32.87 -8.62
C LYS A 186 -3.56 31.47 -8.13
N THR A 187 -4.51 30.55 -8.25
CA THR A 187 -4.27 29.18 -7.77
C THR A 187 -3.26 28.45 -8.63
N VAL A 188 -3.33 28.61 -9.96
CA VAL A 188 -2.37 27.94 -10.83
C VAL A 188 -0.96 28.47 -10.59
N GLU A 189 -0.83 29.79 -10.40
CA GLU A 189 0.49 30.36 -10.13
C GLU A 189 1.04 29.87 -8.80
N GLN A 190 0.20 29.82 -7.77
CA GLN A 190 0.63 29.35 -6.46
C GLN A 190 1.05 27.89 -6.49
N ALA A 191 0.29 27.05 -7.18
CA ALA A 191 0.61 25.62 -7.24
C ALA A 191 1.90 25.39 -8.03
N ASN A 192 2.01 26.02 -9.21
CA ASN A 192 3.23 25.88 -10.00
C ASN A 192 4.46 26.34 -9.23
N SER A 193 4.35 27.50 -8.57
CA SER A 193 5.45 27.99 -7.74
C SER A 193 5.78 27.00 -6.64
N TYR A 194 4.77 26.51 -5.93
CA TYR A 194 5.01 25.62 -4.80
C TYR A 194 5.63 24.30 -5.24
N ILE A 195 5.03 23.64 -6.22
CA ILE A 195 5.51 22.33 -6.66
C ILE A 195 6.96 22.44 -7.15
N ASN A 196 7.25 23.46 -7.96
CA ASN A 196 8.61 23.61 -8.47
C ASN A 196 9.59 23.97 -7.36
N ASN A 197 9.11 24.64 -6.30
CA ASN A 197 10.01 24.99 -5.19
C ASN A 197 10.42 23.75 -4.41
N ILE A 198 9.45 22.90 -4.04
CA ILE A 198 9.81 21.71 -3.27
C ILE A 198 10.54 20.71 -4.15
N TYR A 199 10.21 20.65 -5.44
CA TYR A 199 10.92 19.78 -6.37
C TYR A 199 12.39 20.16 -6.47
N ASP A 200 12.67 21.47 -6.66
CA ASP A 200 14.04 21.92 -6.78
C ASP A 200 14.84 21.67 -5.50
N ARG A 201 14.22 21.92 -4.35
CA ARG A 201 14.93 21.72 -3.08
C ARG A 201 15.25 20.26 -2.85
N GLU A 202 14.26 19.38 -3.04
CA GLU A 202 14.47 17.96 -2.78
C GLU A 202 15.48 17.36 -3.75
N LEU A 203 15.44 17.79 -5.02
CA LEU A 203 16.39 17.25 -5.99
C LEU A 203 17.81 17.67 -5.67
N ASN A 204 18.01 18.92 -5.23
CA ASN A 204 19.35 19.36 -4.83
C ASN A 204 19.83 18.60 -3.60
N ASP A 205 18.93 18.34 -2.65
CA ASP A 205 19.29 17.58 -1.46
C ASP A 205 19.73 16.16 -1.83
N ALA A 206 18.97 15.50 -2.71
CA ALA A 206 19.33 14.14 -3.10
C ALA A 206 20.58 14.12 -3.96
N LEU A 207 20.85 15.18 -4.72
CA LEU A 207 21.99 15.19 -5.63
C LEU A 207 23.30 15.32 -4.88
N ASN A 208 23.35 16.19 -3.87
CA ASN A 208 24.60 16.54 -3.22
C ASN A 208 24.80 15.88 -1.86
N ASN A 209 23.76 15.33 -1.25
CA ASN A 209 23.87 14.75 0.09
C ASN A 209 23.65 13.24 0.10
N SER A 210 23.70 12.61 -1.06
CA SER A 210 23.67 11.15 -1.15
C SER A 210 25.09 10.62 -1.25
N THR A 211 25.26 9.34 -0.91
CA THR A 211 26.52 8.68 -1.15
C THR A 211 26.60 8.24 -2.61
N ALA A 212 27.81 7.84 -3.03
CA ALA A 212 27.99 7.39 -4.41
C ALA A 212 27.15 6.15 -4.70
N ASP A 213 26.91 5.32 -3.68
CA ASP A 213 26.17 4.07 -3.88
C ASP A 213 24.66 4.28 -3.94
N THR A 214 24.16 5.43 -3.48
CA THR A 214 22.72 5.66 -3.40
C THR A 214 22.22 6.82 -4.25
N VAL A 215 23.12 7.62 -4.85
CA VAL A 215 22.70 8.87 -5.48
C VAL A 215 21.82 8.62 -6.70
N ALA A 216 22.08 7.55 -7.45
CA ALA A 216 21.31 7.30 -8.68
C ALA A 216 19.83 7.09 -8.37
N ASN A 217 19.52 6.16 -7.47
CA ASN A 217 18.12 5.90 -7.15
C ASN A 217 17.51 7.01 -6.31
N ASN A 218 18.31 7.70 -5.49
CA ASN A 218 17.77 8.81 -4.72
C ASN A 218 17.31 9.96 -5.63
N VAL A 219 18.07 10.20 -6.70
CA VAL A 219 17.71 11.28 -7.63
C VAL A 219 16.53 10.86 -8.51
N MET A 220 16.58 9.64 -9.06
CA MET A 220 15.46 9.17 -9.87
C MET A 220 14.17 9.12 -9.07
N SER A 221 14.26 8.77 -7.79
CA SER A 221 13.07 8.73 -6.94
C SER A 221 12.44 10.12 -6.82
N VAL A 222 13.26 11.16 -6.68
CA VAL A 222 12.72 12.51 -6.59
C VAL A 222 12.09 12.91 -7.92
N HIS A 223 12.74 12.59 -9.03
CA HIS A 223 12.16 12.86 -10.34
C HIS A 223 10.81 12.18 -10.50
N GLY A 224 10.72 10.90 -10.12
CA GLY A 224 9.47 10.18 -10.26
C GLY A 224 8.36 10.78 -9.43
N HIS A 225 8.63 11.02 -8.14
CA HIS A 225 7.61 11.54 -7.24
C HIS A 225 7.12 12.92 -7.69
N CYS A 226 8.04 13.82 -8.01
CA CYS A 226 7.63 15.19 -8.29
C CYS A 226 7.05 15.36 -9.69
N ARG A 227 7.44 14.52 -10.64
CA ARG A 227 6.89 14.66 -11.98
C ARG A 227 5.56 13.94 -12.11
N LEU A 228 5.43 12.75 -11.49
CA LEU A 228 4.18 12.01 -11.57
C LEU A 228 3.09 12.66 -10.73
N HIS A 229 3.46 13.24 -9.58
CA HIS A 229 2.49 13.83 -8.67
C HIS A 229 2.56 15.36 -8.65
N GLY A 230 3.26 15.97 -9.60
CA GLY A 230 3.34 17.42 -9.66
C GLY A 230 3.46 18.01 -11.04
N ILE A 231 4.58 17.73 -11.72
CA ILE A 231 4.85 18.38 -13.01
C ILE A 231 3.78 18.02 -14.04
N GLU A 232 3.39 16.74 -14.11
CA GLU A 232 2.40 16.36 -15.09
C GLU A 232 1.02 16.91 -14.74
N TYR A 233 0.75 17.10 -13.44
CA TYR A 233 -0.43 17.87 -13.04
C TYR A 233 -0.40 19.27 -13.64
N ILE A 234 0.73 19.96 -13.49
CA ILE A 234 0.86 21.34 -13.97
C ILE A 234 0.58 21.40 -15.47
N SER A 235 1.08 20.44 -16.22
CA SER A 235 0.84 20.42 -17.67
C SER A 235 -0.65 20.33 -17.99
N ILE A 236 -1.44 19.76 -17.08
CA ILE A 236 -2.87 19.62 -17.34
C ILE A 236 -3.60 20.92 -17.00
N TRP A 237 -3.46 21.41 -15.77
CA TRP A 237 -4.22 22.61 -15.42
C TRP A 237 -3.67 23.86 -16.08
N ASP A 238 -2.41 23.85 -16.54
CA ASP A 238 -1.92 24.96 -17.35
C ASP A 238 -2.75 25.09 -18.61
N ARG A 239 -2.98 23.98 -19.31
CA ARG A 239 -3.84 24.02 -20.50
C ARG A 239 -5.27 24.37 -20.14
N LEU A 240 -5.77 23.89 -19.00
CA LEU A 240 -7.14 24.17 -18.61
C LEU A 240 -7.35 25.67 -18.39
N SER A 241 -6.40 26.33 -17.72
CA SER A 241 -6.57 27.74 -17.43
C SER A 241 -6.41 28.60 -18.68
N GLU A 242 -5.48 28.22 -19.57
CA GLU A 242 -5.32 28.97 -20.82
C GLU A 242 -6.57 28.90 -21.67
N ALA A 243 -7.07 27.69 -21.94
CA ALA A 243 -8.23 27.53 -22.79
C ALA A 243 -9.53 27.88 -22.09
N GLU A 244 -9.55 27.92 -20.76
CA GLU A 244 -10.78 28.10 -19.99
C GLU A 244 -11.84 27.10 -20.43
N SER A 245 -11.41 25.85 -20.60
CA SER A 245 -12.28 24.80 -21.11
C SER A 245 -11.84 23.47 -20.55
N VAL A 246 -12.80 22.58 -20.31
CA VAL A 246 -12.54 21.20 -19.97
C VAL A 246 -12.99 20.27 -21.10
N ASN A 247 -13.23 20.81 -22.29
CA ASN A 247 -13.77 20.07 -23.41
C ASN A 247 -12.72 19.69 -24.45
N ASN A 248 -11.46 20.00 -24.21
CA ASN A 248 -10.41 19.78 -25.20
C ASN A 248 -9.59 18.54 -24.86
N ARG A 249 -9.07 17.90 -25.91
CA ARG A 249 -8.17 16.78 -25.75
C ARG A 249 -6.77 17.31 -25.52
N ILE A 250 -6.20 17.00 -24.35
CA ILE A 250 -4.91 17.53 -23.93
C ILE A 250 -3.86 16.42 -24.07
N TYR A 251 -2.73 16.76 -24.67
CA TYR A 251 -1.58 15.87 -24.73
C TYR A 251 -0.55 16.28 -23.69
N VAL A 252 -0.16 15.33 -22.84
CA VAL A 252 0.85 15.57 -21.80
C VAL A 252 2.14 14.90 -22.25
N ASP A 253 3.18 15.69 -22.47
CA ASP A 253 4.48 15.17 -22.88
C ASP A 253 5.45 15.03 -21.71
N VAL A 254 5.00 15.33 -20.49
CA VAL A 254 5.84 15.18 -19.31
C VAL A 254 6.09 13.69 -19.05
N LEU A 255 7.33 13.35 -18.70
CA LEU A 255 7.68 12.00 -18.30
C LEU A 255 8.02 11.96 -16.82
N SER A 256 7.58 10.91 -16.14
CA SER A 256 8.06 10.58 -14.81
C SER A 256 8.93 9.33 -14.92
N TYR A 257 9.64 9.03 -13.84
CA TYR A 257 10.69 8.02 -13.89
C TYR A 257 10.59 7.05 -12.72
N SER A 258 11.19 5.88 -12.92
CA SER A 258 11.36 4.88 -11.88
C SER A 258 12.81 4.87 -11.41
N THR A 259 13.05 4.09 -10.36
CA THR A 259 14.40 3.84 -9.92
C THR A 259 15.00 2.66 -10.69
N PHE A 260 16.29 2.42 -10.47
CA PHE A 260 17.01 1.33 -11.12
C PHE A 260 16.92 0.07 -10.27
N PHE A 261 16.66 -1.06 -10.93
CA PHE A 261 16.59 -2.37 -10.29
C PHE A 261 17.56 -3.29 -11.03
N ASP A 262 18.52 -3.87 -10.31
CA ASP A 262 18.55 -3.90 -8.86
C ASP A 262 19.94 -3.56 -8.31
N ARG A 263 20.82 -3.07 -9.18
CA ARG A 263 22.17 -2.70 -8.78
C ARG A 263 22.57 -1.43 -9.51
N GLN A 264 22.84 -0.36 -8.75
CA GLN A 264 23.20 0.91 -9.35
C GLN A 264 24.66 0.87 -9.82
N THR A 265 24.88 1.32 -11.04
CA THR A 265 26.19 1.29 -11.68
C THR A 265 26.56 2.69 -12.15
N ALA A 266 27.78 2.80 -12.69
CA ALA A 266 28.24 4.11 -13.18
C ALA A 266 27.38 4.57 -14.36
N LYS A 267 26.99 3.65 -15.25
CA LYS A 267 26.17 4.03 -16.38
C LYS A 267 24.78 4.47 -15.93
N ALA A 268 24.25 3.84 -14.87
CA ALA A 268 22.99 4.30 -14.32
C ALA A 268 23.14 5.67 -13.68
N ARG A 269 24.27 5.91 -13.00
CA ARG A 269 24.51 7.20 -12.37
C ARG A 269 24.61 8.31 -13.41
N ILE A 270 25.24 8.03 -14.56
CA ILE A 270 25.33 9.03 -15.61
C ILE A 270 23.94 9.48 -16.06
N GLN A 271 23.03 8.52 -16.24
CA GLN A 271 21.66 8.86 -16.60
C GLN A 271 20.96 9.64 -15.49
N ALA A 272 21.03 9.14 -14.26
CA ALA A 272 20.31 9.77 -13.16
C ALA A 272 20.81 11.19 -12.90
N LEU A 273 22.11 11.41 -13.03
CA LEU A 273 22.68 12.72 -12.73
C LEU A 273 22.55 13.70 -13.90
N THR A 274 22.03 13.25 -15.03
CA THR A 274 21.73 14.17 -16.12
C THR A 274 20.49 14.98 -15.77
N PRO A 275 20.51 16.30 -15.96
CA PRO A 275 19.27 17.07 -15.76
C PRO A 275 18.15 16.52 -16.63
N GLU A 276 16.94 16.49 -16.06
CA GLU A 276 15.82 15.85 -16.74
C GLU A 276 15.57 16.47 -18.11
N LYS A 277 15.75 17.80 -18.23
CA LYS A 277 15.52 18.48 -19.50
C LYS A 277 16.54 18.06 -20.57
N ASP A 278 17.65 17.46 -20.18
CA ASP A 278 18.70 17.07 -21.12
C ASP A 278 18.83 15.56 -21.27
N MET A 279 17.91 14.80 -20.68
CA MET A 279 17.96 13.35 -20.79
C MET A 279 17.69 12.91 -22.23
N THR A 280 18.36 11.84 -22.64
CA THR A 280 18.36 11.37 -24.01
C THR A 280 17.61 10.05 -24.15
N PRO A 281 17.23 9.67 -25.36
CA PRO A 281 16.80 8.29 -25.60
C PRO A 281 17.94 7.33 -25.31
N PRO A 282 17.63 6.06 -25.00
CA PRO A 282 16.29 5.46 -24.97
C PRO A 282 15.52 5.67 -23.67
N LEU A 283 16.18 6.15 -22.61
CA LEU A 283 15.48 6.34 -21.33
C LEU A 283 14.37 7.37 -21.46
N LYS A 284 14.65 8.49 -22.14
CA LYS A 284 13.65 9.54 -22.36
C LYS A 284 13.38 9.67 -23.84
N PRO A 285 12.19 9.30 -24.32
CA PRO A 285 11.91 9.40 -25.76
C PRO A 285 11.91 10.85 -26.22
N ALA A 286 12.38 11.05 -27.45
CA ALA A 286 12.49 12.40 -28.00
C ALA A 286 11.12 12.94 -28.39
N LEU A 287 11.04 14.26 -28.53
CA LEU A 287 9.83 14.94 -28.95
C LEU A 287 9.84 15.11 -30.47
N ASN A 288 8.68 14.91 -31.08
CA ASN A 288 8.53 15.08 -32.53
C ASN A 288 7.12 15.57 -32.80
N GLY A 289 7.00 16.77 -33.36
CA GLY A 289 5.69 17.34 -33.62
C GLY A 289 4.83 17.50 -32.39
N GLY A 290 5.44 17.73 -31.24
CA GLY A 290 4.72 17.82 -29.99
C GLY A 290 4.36 16.50 -29.36
N LYS A 291 4.71 15.38 -29.99
CA LYS A 291 4.41 14.05 -29.48
C LYS A 291 5.72 13.40 -29.03
N ARG A 292 5.65 12.59 -27.98
CA ARG A 292 6.79 11.74 -27.64
C ARG A 292 6.83 10.55 -28.60
N ARG A 293 8.01 10.24 -29.11
CA ARG A 293 8.15 9.15 -30.07
C ARG A 293 7.85 7.80 -29.40
N LYS A 294 7.20 6.93 -30.15
CA LYS A 294 6.85 5.60 -29.65
C LYS A 294 7.98 4.61 -29.89
N ILE A 295 7.99 3.56 -29.08
CA ILE A 295 8.94 2.47 -29.27
C ILE A 295 8.44 1.58 -30.39
N ASP A 296 9.30 1.32 -31.38
CA ASP A 296 8.91 0.52 -32.53
C ASP A 296 9.08 -0.97 -32.23
N SER A 297 10.23 -1.37 -31.70
CA SER A 297 10.49 -2.77 -31.40
C SER A 297 11.52 -2.87 -30.29
N LEU A 298 11.56 -4.06 -29.68
CA LEU A 298 12.52 -4.38 -28.62
C LEU A 298 13.21 -5.69 -28.98
N THR A 299 14.52 -5.75 -28.78
CA THR A 299 15.28 -6.98 -28.99
C THR A 299 16.05 -7.27 -27.72
N GLY A 300 15.68 -8.34 -27.03
CA GLY A 300 16.39 -8.78 -25.84
C GLY A 300 17.56 -9.65 -26.21
N HIS A 301 18.66 -9.51 -25.46
CA HIS A 301 19.87 -10.28 -25.65
C HIS A 301 20.10 -11.15 -24.42
N ILE A 302 20.16 -12.46 -24.62
CA ILE A 302 20.20 -13.42 -23.52
C ILE A 302 21.61 -13.94 -23.35
N VAL A 303 22.10 -13.96 -22.11
CA VAL A 303 23.39 -14.51 -21.78
C VAL A 303 23.19 -15.70 -20.85
N ARG A 304 24.08 -16.68 -20.97
CA ARG A 304 24.01 -17.90 -20.17
C ARG A 304 24.96 -17.76 -18.98
N ILE A 305 24.41 -17.78 -17.78
CA ILE A 305 25.19 -17.73 -16.54
C ILE A 305 25.04 -19.09 -15.86
N GLY A 306 26.08 -19.90 -15.94
CA GLY A 306 26.00 -21.25 -15.41
C GLY A 306 24.93 -22.10 -16.06
N GLY A 307 24.72 -21.92 -17.36
CA GLY A 307 23.75 -22.66 -18.12
C GLY A 307 22.33 -22.10 -18.11
N ALA A 308 22.05 -21.11 -17.26
CA ALA A 308 20.71 -20.55 -17.14
C ALA A 308 20.59 -19.27 -17.96
N ALA A 309 19.42 -19.08 -18.57
CA ALA A 309 19.16 -17.91 -19.39
C ALA A 309 18.95 -16.68 -18.51
N ARG A 310 19.70 -15.62 -18.79
CA ARG A 310 19.59 -14.37 -18.06
C ARG A 310 19.62 -13.20 -19.05
N VAL A 311 19.09 -12.05 -18.61
CA VAL A 311 19.07 -10.87 -19.46
C VAL A 311 20.47 -10.27 -19.53
N GLY A 312 20.97 -10.09 -20.75
CA GLY A 312 22.29 -9.52 -20.94
C GLY A 312 22.24 -8.12 -21.51
N GLY A 313 21.37 -7.90 -22.49
CA GLY A 313 21.25 -6.61 -23.14
C GLY A 313 19.88 -6.41 -23.73
N LEU A 314 19.68 -5.20 -24.29
CA LEU A 314 18.39 -4.83 -24.86
C LEU A 314 18.60 -3.82 -25.97
N THR A 315 17.96 -4.04 -27.12
CA THR A 315 17.95 -3.09 -28.23
C THR A 315 16.59 -2.42 -28.30
N VAL A 316 16.57 -1.10 -28.24
CA VAL A 316 15.35 -0.31 -28.31
C VAL A 316 15.38 0.48 -29.61
N VAL A 317 14.36 0.29 -30.45
CA VAL A 317 14.22 0.99 -31.71
C VAL A 317 12.95 1.82 -31.66
N PHE A 318 13.07 3.12 -31.93
CA PHE A 318 11.93 4.02 -31.90
C PHE A 318 11.32 4.16 -33.30
N ASP A 319 10.17 4.84 -33.35
CA ASP A 319 9.42 4.93 -34.59
C ASP A 319 10.12 5.74 -35.68
N ASP A 320 11.23 6.39 -35.36
CA ASP A 320 12.05 7.07 -36.36
C ASP A 320 13.18 6.20 -36.88
N GLY A 321 13.25 4.94 -36.46
CA GLY A 321 14.31 4.04 -36.86
C GLY A 321 15.57 4.13 -36.02
N SER A 322 15.66 5.10 -35.12
CA SER A 322 16.86 5.23 -34.28
C SER A 322 16.99 4.02 -33.37
N ARG A 323 18.19 3.43 -33.36
CA ARG A 323 18.48 2.22 -32.60
C ARG A 323 19.34 2.57 -31.39
N HIS A 324 19.09 1.88 -30.28
CA HIS A 324 19.82 2.14 -29.03
C HIS A 324 20.17 0.80 -28.40
N GLN A 325 21.45 0.45 -28.42
CA GLN A 325 21.92 -0.79 -27.82
C GLN A 325 22.25 -0.56 -26.35
N LEU A 326 21.65 -1.37 -25.48
CA LEU A 326 21.91 -1.33 -24.05
C LEU A 326 22.47 -2.66 -23.60
N GLY A 327 23.51 -2.61 -22.76
CA GLY A 327 24.03 -3.84 -22.19
C GLY A 327 24.82 -4.66 -23.20
N THR A 328 24.76 -5.98 -23.02
CA THR A 328 25.64 -6.90 -23.72
C THR A 328 24.99 -7.41 -25.00
N ILE A 329 25.77 -7.42 -26.08
CA ILE A 329 25.35 -8.02 -27.33
C ILE A 329 25.49 -9.53 -27.22
N SER A 330 24.46 -10.26 -27.66
CA SER A 330 24.47 -11.71 -27.62
C SER A 330 23.96 -12.24 -28.95
N SER A 331 24.26 -13.51 -29.21
CA SER A 331 23.75 -14.20 -30.39
C SER A 331 22.41 -14.90 -30.13
N GLU A 332 21.96 -14.93 -28.89
CA GLU A 332 20.65 -15.47 -28.54
C GLU A 332 19.72 -14.29 -28.29
N THR A 333 18.79 -14.06 -29.22
CA THR A 333 17.90 -12.91 -29.14
C THR A 333 16.46 -13.35 -29.34
N SER A 334 15.54 -12.54 -28.80
CA SER A 334 14.11 -12.68 -29.08
C SER A 334 13.52 -11.29 -29.06
N SER A 335 12.73 -10.97 -30.08
CA SER A 335 12.25 -9.61 -30.30
C SER A 335 10.73 -9.58 -30.34
N ILE A 336 10.20 -8.36 -30.36
CA ILE A 336 8.77 -8.13 -30.55
C ILE A 336 8.61 -6.78 -31.24
N SER A 337 7.65 -6.72 -32.16
CA SER A 337 7.27 -5.48 -32.81
C SER A 337 6.05 -4.93 -32.10
N LEU A 338 6.14 -3.69 -31.62
CA LEU A 338 5.04 -3.12 -30.84
C LEU A 338 3.84 -2.79 -31.72
N ASN A 339 4.07 -2.55 -33.01
CA ASN A 339 2.99 -2.29 -33.98
C ASN A 339 2.09 -1.15 -33.54
N GLY A 340 2.65 -0.14 -32.87
CA GLY A 340 1.88 0.98 -32.38
C GLY A 340 1.25 0.78 -31.01
N SER A 341 1.32 -0.42 -30.45
CA SER A 341 0.80 -0.66 -29.11
C SER A 341 1.85 -0.25 -28.07
N ARG A 342 1.37 0.13 -26.89
CA ARG A 342 2.23 0.69 -25.86
C ARG A 342 2.51 -0.33 -24.77
N ILE A 343 3.66 -0.16 -24.11
CA ILE A 343 4.06 -1.04 -23.02
C ILE A 343 3.28 -0.64 -21.77
N THR A 344 2.49 -1.55 -21.24
CA THR A 344 1.72 -1.27 -20.05
C THR A 344 2.45 -1.64 -18.77
N SER A 345 3.30 -2.67 -18.79
CA SER A 345 4.02 -3.07 -17.60
C SER A 345 5.34 -3.74 -17.97
N LEU A 346 6.31 -3.61 -17.07
CA LEU A 346 7.54 -4.37 -17.14
C LEU A 346 7.75 -5.06 -15.80
N GLU A 347 7.99 -6.36 -15.83
CA GLU A 347 8.21 -7.16 -14.63
C GLU A 347 9.62 -7.73 -14.70
N VAL A 348 10.35 -7.62 -13.59
CA VAL A 348 11.74 -8.06 -13.53
C VAL A 348 11.93 -8.91 -12.30
N TRP A 349 12.67 -10.01 -12.46
CA TRP A 349 13.13 -10.84 -11.36
C TRP A 349 14.64 -10.73 -11.26
N GLY A 350 15.16 -10.63 -10.04
CA GLY A 350 16.59 -10.52 -9.86
C GLY A 350 17.00 -10.13 -8.46
N ASN A 351 18.26 -10.42 -8.11
CA ASN A 351 18.83 -10.06 -6.81
C ASN A 351 20.26 -9.62 -7.05
N GLY A 352 20.47 -8.31 -7.19
CA GLY A 352 21.75 -7.78 -7.59
C GLY A 352 21.97 -7.74 -9.09
N ALA A 353 21.01 -8.22 -9.88
CA ALA A 353 21.11 -8.25 -11.33
C ALA A 353 19.71 -8.40 -11.90
N VAL A 354 19.62 -8.46 -13.23
CA VAL A 354 18.37 -8.63 -13.94
C VAL A 354 18.35 -10.06 -14.49
N ASP A 355 17.67 -10.96 -13.78
CA ASP A 355 17.58 -12.35 -14.23
C ASP A 355 16.60 -12.50 -15.38
N GLN A 356 15.38 -12.00 -15.21
CA GLN A 356 14.32 -12.11 -16.20
C GLN A 356 13.57 -10.79 -16.28
N ALA A 357 13.14 -10.43 -17.49
CA ALA A 357 12.34 -9.24 -17.71
C ALA A 357 11.19 -9.57 -18.66
N VAL A 358 9.99 -9.09 -18.33
CA VAL A 358 8.79 -9.39 -19.11
C VAL A 358 8.10 -8.08 -19.46
N PHE A 359 8.09 -7.73 -20.75
CA PHE A 359 7.39 -6.56 -21.24
C PHE A 359 6.00 -6.98 -21.70
N THR A 360 4.96 -6.35 -21.13
CA THR A 360 3.59 -6.61 -21.52
C THR A 360 3.04 -5.40 -22.27
N LEU A 361 2.42 -5.65 -23.42
CA LEU A 361 1.85 -4.61 -24.25
C LEU A 361 0.34 -4.49 -24.01
N ARG A 362 -0.20 -3.32 -24.39
CA ARG A 362 -1.63 -3.07 -24.21
C ARG A 362 -2.47 -4.02 -25.05
N ASP A 363 -1.99 -4.43 -26.22
CA ASP A 363 -2.77 -5.28 -27.11
C ASP A 363 -2.83 -6.74 -26.65
N GLY A 364 -2.17 -7.09 -25.55
CA GLY A 364 -2.22 -8.42 -24.99
C GLY A 364 -0.96 -9.23 -25.18
N ARG A 365 -0.09 -8.84 -26.11
CA ARG A 365 1.14 -9.58 -26.35
C ARG A 365 2.18 -9.25 -25.29
N SER A 366 3.19 -10.13 -25.18
CA SER A 366 4.24 -9.96 -24.20
C SER A 366 5.54 -10.54 -24.73
N LEU A 367 6.65 -10.02 -24.21
CA LEU A 367 7.99 -10.50 -24.55
C LEU A 367 8.72 -10.84 -23.26
N SER A 368 9.11 -12.10 -23.12
CA SER A 368 9.74 -12.60 -21.91
C SER A 368 11.19 -12.96 -22.20
N LEU A 369 12.11 -12.44 -21.40
CA LEU A 369 13.54 -12.59 -21.62
C LEU A 369 14.21 -13.11 -20.36
N GLY A 370 15.05 -14.13 -20.52
CA GLY A 370 15.73 -14.72 -19.38
C GLY A 370 14.83 -15.65 -18.59
N SER A 371 15.30 -15.99 -17.40
CA SER A 371 14.60 -16.89 -16.50
C SER A 371 14.94 -16.49 -15.07
N PRO A 372 14.05 -16.73 -14.11
CA PRO A 372 14.26 -16.22 -12.74
C PRO A 372 15.23 -17.11 -11.97
N GLY A 373 16.25 -16.49 -11.39
CA GLY A 373 17.12 -17.14 -10.43
C GLY A 373 16.79 -16.80 -8.99
N THR A 374 15.64 -16.18 -8.74
CA THR A 374 15.25 -15.73 -7.42
C THR A 374 13.75 -15.43 -7.44
N SER A 375 13.19 -15.31 -6.25
CA SER A 375 11.82 -14.82 -6.13
C SER A 375 11.75 -13.30 -6.04
N ARG A 376 12.88 -12.64 -5.78
CA ARG A 376 12.90 -11.18 -5.70
C ARG A 376 12.38 -10.57 -6.98
N TYR A 377 11.42 -9.66 -6.84
CA TYR A 377 10.58 -9.25 -7.95
C TYR A 377 10.27 -7.76 -7.82
N ARG A 378 10.07 -7.10 -8.96
CA ARG A 378 9.74 -5.69 -8.95
C ARG A 378 8.94 -5.37 -10.21
N LYS A 379 7.80 -4.73 -10.03
CA LYS A 379 6.88 -4.43 -11.12
C LYS A 379 6.95 -2.94 -11.44
N PHE A 380 7.17 -2.61 -12.71
CA PHE A 380 7.11 -1.24 -13.20
C PHE A 380 5.73 -1.05 -13.84
N HIS A 381 4.81 -0.45 -13.10
CA HIS A 381 3.44 -0.30 -13.55
C HIS A 381 2.74 0.74 -12.69
N VAL A 382 2.30 1.83 -13.28
CA VAL A 382 1.69 2.91 -12.52
C VAL A 382 0.17 2.80 -12.47
N GLY A 383 -0.45 2.41 -13.59
CA GLY A 383 -1.89 2.29 -13.64
C GLY A 383 -2.37 1.91 -15.03
N GLU A 384 -3.61 2.24 -15.35
CA GLU A 384 -4.18 1.93 -16.65
C GLU A 384 -3.99 3.05 -17.67
N SER A 385 -3.54 4.23 -17.25
CA SER A 385 -3.36 5.37 -18.15
C SER A 385 -1.93 5.87 -18.20
N HIS A 386 -0.98 5.15 -17.61
CA HIS A 386 0.43 5.49 -17.69
C HIS A 386 1.17 4.34 -18.37
N TYR A 387 1.99 4.66 -19.36
CA TYR A 387 2.67 3.67 -20.18
C TYR A 387 4.17 3.89 -20.13
N ILE A 388 4.91 2.79 -20.21
CA ILE A 388 6.37 2.84 -20.24
C ILE A 388 6.79 3.41 -21.59
N ALA A 389 7.33 4.61 -21.59
CA ALA A 389 7.71 5.30 -22.83
C ALA A 389 9.19 5.23 -23.14
N GLY A 390 10.01 4.86 -22.16
CA GLY A 390 11.45 4.72 -22.39
C GLY A 390 12.01 3.69 -21.42
N ILE A 391 13.17 3.14 -21.80
CA ILE A 391 13.84 2.10 -21.02
C ILE A 391 15.33 2.42 -20.98
N TYR A 392 15.98 2.13 -19.85
CA TYR A 392 17.43 2.12 -19.79
C TYR A 392 17.90 0.87 -19.06
N LEU A 393 19.03 0.34 -19.51
CA LEU A 393 19.61 -0.88 -18.96
C LEU A 393 21.12 -0.78 -19.12
N SER A 394 21.85 -1.37 -18.18
CA SER A 394 23.30 -1.38 -18.26
C SER A 394 23.85 -2.67 -17.65
N SER A 395 25.06 -3.03 -18.09
CA SER A 395 25.75 -4.23 -17.64
C SER A 395 27.20 -3.92 -17.27
N ASP A 396 27.47 -2.69 -16.84
CA ASP A 396 28.83 -2.25 -16.53
C ASP A 396 29.21 -2.63 -15.09
N TYR A 397 29.18 -3.93 -14.84
CA TYR A 397 29.59 -4.49 -13.55
C TYR A 397 30.26 -5.84 -13.86
N SER A 398 31.59 -5.84 -13.91
CA SER A 398 32.32 -7.01 -14.36
C SER A 398 32.02 -8.29 -13.59
N PRO A 399 31.83 -8.28 -12.25
CA PRO A 399 31.48 -9.53 -11.55
C PRO A 399 30.27 -10.24 -12.12
N LEU A 400 29.37 -9.51 -12.79
CA LEU A 400 28.20 -10.13 -13.41
C LEU A 400 28.52 -10.75 -14.77
N ALA A 401 29.71 -10.49 -15.33
CA ALA A 401 30.21 -11.19 -16.50
C ALA A 401 29.30 -11.07 -17.71
N GLY A 402 28.76 -9.87 -17.93
CA GLY A 402 27.91 -9.59 -19.06
C GLY A 402 26.43 -9.53 -18.76
N GLN A 403 25.98 -10.13 -17.66
CA GLN A 403 24.58 -10.05 -17.28
C GLN A 403 24.21 -8.61 -16.95
N ALA A 404 22.99 -8.22 -17.30
CA ALA A 404 22.50 -6.90 -16.97
C ALA A 404 22.45 -6.70 -15.46
N ALA A 405 22.90 -5.54 -15.01
CA ALA A 405 22.90 -5.21 -13.59
C ALA A 405 21.65 -4.44 -13.17
N ASN A 406 21.14 -3.57 -14.04
CA ASN A 406 20.00 -2.75 -13.67
C ASN A 406 19.14 -2.45 -14.88
N ILE A 407 17.92 -2.03 -14.61
CA ILE A 407 16.99 -1.57 -15.63
C ILE A 407 16.09 -0.51 -14.99
N ALA A 408 15.68 0.46 -15.79
CA ALA A 408 14.76 1.49 -15.34
C ALA A 408 13.92 1.92 -16.54
N VAL A 409 12.81 2.60 -16.26
CA VAL A 409 11.87 3.01 -17.29
C VAL A 409 11.43 4.45 -17.01
N SER A 410 10.76 5.03 -18.01
CA SER A 410 10.05 6.29 -17.86
C SER A 410 8.59 6.07 -18.20
N TYR A 411 7.71 6.75 -17.48
CA TYR A 411 6.26 6.63 -17.67
C TYR A 411 5.71 7.91 -18.30
N GLN A 412 4.67 7.76 -19.12
CA GLN A 412 3.96 8.89 -19.69
C GLN A 412 2.46 8.67 -19.56
N LEU A 413 1.75 9.72 -19.14
CA LEU A 413 0.30 9.70 -19.09
C LEU A 413 -0.26 9.88 -20.50
N ILE A 414 -1.06 8.93 -20.95
CA ILE A 414 -1.60 8.93 -22.32
C ILE A 414 -3.07 8.54 -22.28
N ASN A 415 -3.89 9.29 -23.02
CA ASN A 415 -5.32 9.00 -23.10
C ASN A 415 -5.61 7.92 -24.13
N ALA B 14 16.22 -19.32 -7.47
CA ALA B 14 17.20 -20.35 -7.14
C ALA B 14 17.35 -20.50 -5.64
N ASN B 15 18.59 -20.64 -5.17
CA ASN B 15 18.84 -20.96 -3.78
C ASN B 15 18.47 -19.78 -2.87
N GLU B 16 19.16 -18.65 -3.04
CA GLU B 16 19.13 -17.59 -2.04
C GLU B 16 17.71 -17.09 -1.79
N TYR B 17 17.30 -17.12 -0.53
CA TYR B 17 15.95 -16.73 -0.16
C TYR B 17 15.78 -15.22 -0.18
N ALA B 18 14.63 -14.77 -0.66
CA ALA B 18 14.27 -13.36 -0.65
C ALA B 18 12.82 -13.22 -0.17
N VAL B 19 12.60 -12.23 0.70
CA VAL B 19 11.26 -12.01 1.24
C VAL B 19 10.28 -11.75 0.11
N LYS B 20 9.12 -12.40 0.16
CA LYS B 20 8.13 -12.32 -0.90
C LYS B 20 6.91 -11.48 -0.53
N THR B 21 6.85 -10.98 0.70
CA THR B 21 5.69 -10.24 1.18
C THR B 21 6.09 -8.81 1.53
N SER B 22 5.17 -8.10 2.17
CA SER B 22 5.39 -6.71 2.52
C SER B 22 6.54 -6.57 3.50
N ALA B 23 7.30 -5.47 3.37
CA ALA B 23 8.35 -5.16 4.33
C ALA B 23 7.81 -4.67 5.66
N LEU B 24 6.58 -4.18 5.68
CA LEU B 24 5.92 -3.73 6.90
C LEU B 24 4.75 -4.66 7.22
N GLU B 25 4.27 -4.56 8.45
CA GLU B 25 3.19 -5.41 8.94
C GLU B 25 1.87 -4.67 8.81
N TRP B 26 0.85 -5.37 8.32
CA TRP B 26 -0.45 -4.76 8.05
C TRP B 26 -1.54 -5.81 8.26
N ASP B 27 -2.77 -5.33 8.41
CA ASP B 27 -3.93 -6.23 8.53
C ASP B 27 -5.16 -5.48 8.04
N VAL B 28 -5.78 -6.00 6.98
CA VAL B 28 -7.03 -5.45 6.48
C VAL B 28 -8.24 -6.13 7.13
N THR B 29 -8.05 -7.29 7.75
CA THR B 29 -9.13 -8.06 8.35
C THR B 29 -9.18 -7.89 9.87
N ASP B 30 -8.52 -6.84 10.40
CA ASP B 30 -8.47 -6.67 11.84
C ASP B 30 -9.81 -6.22 12.41
N ILE B 31 -10.59 -5.48 11.64
CA ILE B 31 -11.94 -5.10 12.09
C ILE B 31 -12.82 -6.33 12.18
N VAL B 32 -12.69 -7.26 11.23
CA VAL B 32 -13.41 -8.52 11.31
C VAL B 32 -12.97 -9.31 12.53
N LYS B 33 -11.65 -9.46 12.69
CA LYS B 33 -11.10 -10.23 13.82
C LYS B 33 -11.58 -9.68 15.14
N ASN B 34 -11.51 -8.35 15.30
CA ASN B 34 -11.89 -7.73 16.57
C ASN B 34 -13.35 -8.00 16.89
N ALA B 35 -14.24 -7.88 15.89
CA ALA B 35 -15.65 -8.11 16.12
C ALA B 35 -15.92 -9.56 16.50
N ILE B 36 -15.22 -10.50 15.85
CA ILE B 36 -15.46 -11.91 16.10
C ILE B 36 -15.08 -12.29 17.52
N ILE B 37 -13.88 -11.90 17.97
CA ILE B 37 -13.43 -12.30 19.29
C ILE B 37 -14.14 -11.54 20.41
N GLY B 38 -14.87 -10.47 20.09
CA GLY B 38 -15.73 -9.85 21.06
C GLY B 38 -17.07 -10.54 21.22
N GLY B 39 -17.50 -11.29 20.22
CA GLY B 39 -18.78 -11.97 20.26
C GLY B 39 -19.91 -11.06 19.83
N ILE B 40 -20.99 -11.69 19.35
CA ILE B 40 -22.16 -10.94 18.91
C ILE B 40 -23.33 -11.19 19.87
N SER B 41 -23.02 -11.30 21.17
CA SER B 41 -24.07 -11.47 22.15
C SER B 41 -25.00 -10.26 22.23
N PHE B 42 -24.58 -9.12 21.68
CA PHE B 42 -25.43 -7.93 21.62
C PHE B 42 -26.48 -8.00 20.53
N ILE B 43 -26.55 -9.10 19.78
CA ILE B 43 -27.52 -9.27 18.70
C ILE B 43 -28.45 -10.43 19.06
N PRO B 44 -29.73 -10.18 19.30
CA PRO B 44 -30.60 -11.25 19.80
C PRO B 44 -31.10 -12.22 18.74
N SER B 45 -31.24 -11.78 17.49
CA SER B 45 -31.93 -12.56 16.48
C SER B 45 -30.97 -13.01 15.37
N VAL B 46 -31.31 -14.12 14.72
CA VAL B 46 -30.40 -14.72 13.75
C VAL B 46 -30.29 -13.88 12.48
N GLY B 47 -31.39 -13.24 12.06
CA GLY B 47 -31.38 -12.39 10.89
C GLY B 47 -30.36 -11.28 10.98
N PRO B 48 -30.50 -10.41 12.00
CA PRO B 48 -29.48 -9.39 12.23
C PRO B 48 -28.09 -9.96 12.47
N ALA B 49 -27.99 -11.19 12.98
CA ALA B 49 -26.68 -11.80 13.19
C ALA B 49 -25.98 -12.06 11.87
N ILE B 50 -26.68 -12.67 10.91
CA ILE B 50 -26.09 -12.91 9.60
C ILE B 50 -25.77 -11.59 8.90
N SER B 51 -26.64 -10.59 9.05
CA SER B 51 -26.40 -9.30 8.42
C SER B 51 -25.16 -8.63 8.99
N PHE B 52 -24.90 -8.80 10.29
CA PHE B 52 -23.67 -8.27 10.87
C PHE B 52 -22.44 -8.89 10.25
N LEU B 53 -22.51 -10.18 9.89
CA LEU B 53 -21.40 -10.81 9.19
C LEU B 53 -21.20 -10.22 7.81
N VAL B 54 -22.30 -9.89 7.12
CA VAL B 54 -22.20 -9.29 5.80
C VAL B 54 -21.51 -7.92 5.89
N GLY B 55 -21.87 -7.12 6.89
CA GLY B 55 -21.24 -5.82 7.06
C GLY B 55 -19.78 -5.89 7.46
N LEU B 56 -19.32 -7.05 7.93
CA LEU B 56 -17.92 -7.20 8.31
C LEU B 56 -17.05 -7.51 7.08
N PHE B 57 -17.50 -8.44 6.25
CA PHE B 57 -16.72 -8.86 5.09
C PHE B 57 -16.99 -8.01 3.86
N TRP B 58 -18.19 -7.43 3.74
CA TRP B 58 -18.55 -6.56 2.62
C TRP B 58 -19.10 -5.25 3.17
N PRO B 59 -18.22 -4.39 3.70
CA PRO B 59 -18.70 -3.14 4.30
C PRO B 59 -19.43 -2.27 3.29
N GLN B 60 -20.48 -1.61 3.76
CA GLN B 60 -21.40 -0.91 2.87
C GLN B 60 -20.73 0.28 2.18
N SER B 61 -20.99 0.40 0.88
CA SER B 61 -20.51 1.52 0.05
C SER B 61 -19.00 1.63 0.05
N LYS B 62 -18.30 0.51 0.24
CA LYS B 62 -16.84 0.47 0.26
C LYS B 62 -16.37 -0.84 -0.37
N GLU B 63 -15.07 -0.93 -0.59
CA GLU B 63 -14.50 -2.17 -1.07
C GLU B 63 -14.58 -3.25 0.00
N ASN B 64 -14.78 -4.49 -0.42
CA ASN B 64 -14.85 -5.59 0.53
C ASN B 64 -13.46 -5.94 1.03
N ILE B 65 -13.39 -6.87 1.98
CA ILE B 65 -12.11 -7.20 2.61
C ILE B 65 -11.14 -7.79 1.60
N TRP B 66 -11.63 -8.71 0.75
CA TRP B 66 -10.77 -9.33 -0.25
C TRP B 66 -10.18 -8.29 -1.18
N GLU B 67 -11.00 -7.32 -1.60
CA GLU B 67 -10.50 -6.23 -2.44
C GLU B 67 -9.44 -5.43 -1.69
N GLY B 68 -9.74 -5.03 -0.45
CA GLY B 68 -8.77 -4.28 0.34
C GLY B 68 -7.44 -4.99 0.50
N ILE B 69 -7.46 -6.33 0.55
CA ILE B 69 -6.22 -7.08 0.66
C ILE B 69 -5.40 -6.97 -0.62
N VAL B 70 -6.08 -7.01 -1.77
CA VAL B 70 -5.39 -6.97 -3.06
C VAL B 70 -4.65 -5.66 -3.23
N LYS B 71 -5.23 -4.56 -2.75
CA LYS B 71 -4.61 -3.25 -2.92
C LYS B 71 -3.34 -3.12 -2.11
N GLN B 72 -3.22 -3.89 -1.02
CA GLN B 72 -2.01 -3.89 -0.23
C GLN B 72 -0.87 -4.67 -0.89
N ILE B 73 -1.19 -5.73 -1.63
CA ILE B 73 -0.18 -6.67 -2.09
C ILE B 73 -0.04 -6.75 -3.60
N GLU B 74 -0.92 -6.10 -4.37
CA GLU B 74 -0.91 -6.31 -5.82
C GLU B 74 0.43 -5.92 -6.45
N ARG B 75 1.15 -4.99 -5.83
CA ARG B 75 2.43 -4.56 -6.36
C ARG B 75 3.47 -5.67 -6.36
N MET B 76 3.27 -6.72 -5.56
CA MET B 76 4.22 -7.82 -5.46
C MET B 76 3.72 -9.09 -6.14
N ILE B 77 2.52 -9.09 -6.69
CA ILE B 77 1.93 -10.26 -7.32
C ILE B 77 2.23 -10.24 -8.81
N GLU B 78 2.72 -11.38 -9.32
CA GLU B 78 2.92 -11.53 -10.75
C GLU B 78 1.61 -11.24 -11.50
N GLU B 79 1.74 -10.67 -12.70
CA GLU B 79 0.60 -10.06 -13.36
C GLU B 79 -0.45 -11.10 -13.77
N SER B 80 -0.03 -12.24 -14.30
CA SER B 80 -1.01 -13.23 -14.74
C SER B 80 -1.77 -13.84 -13.58
N ALA B 81 -1.10 -14.00 -12.43
CA ALA B 81 -1.81 -14.47 -11.23
C ALA B 81 -2.75 -13.40 -10.69
N LEU B 82 -2.33 -12.14 -10.77
CA LEU B 82 -3.17 -11.04 -10.28
C LEU B 82 -4.47 -10.93 -11.06
N LYS B 83 -4.45 -11.23 -12.36
CA LYS B 83 -5.67 -11.16 -13.14
C LYS B 83 -6.64 -12.28 -12.78
N THR B 84 -6.11 -13.47 -12.50
CA THR B 84 -6.97 -14.58 -12.06
C THR B 84 -7.58 -14.29 -10.70
N ILE B 85 -6.79 -13.73 -9.78
CA ILE B 85 -7.31 -13.39 -8.46
C ILE B 85 -8.42 -12.36 -8.57
N LYS B 86 -8.22 -11.33 -9.40
CA LYS B 86 -9.24 -10.31 -9.56
C LYS B 86 -10.50 -10.88 -10.22
N GLY B 87 -10.34 -11.88 -11.10
CA GLY B 87 -11.51 -12.51 -11.68
C GLY B 87 -12.31 -13.30 -10.66
N ILE B 88 -11.63 -13.99 -9.75
CA ILE B 88 -12.32 -14.72 -8.68
C ILE B 88 -13.08 -13.75 -7.79
N LEU B 89 -12.49 -12.59 -7.49
CA LEU B 89 -13.16 -11.60 -6.68
C LEU B 89 -14.38 -11.03 -7.40
N ALA B 90 -14.27 -10.76 -8.70
CA ALA B 90 -15.36 -10.14 -9.42
C ALA B 90 -16.51 -11.10 -9.67
N GLY B 91 -16.22 -12.38 -9.85
CA GLY B 91 -17.24 -13.35 -10.18
C GLY B 91 -17.77 -14.16 -9.01
N ASP B 92 -16.86 -14.66 -8.17
CA ASP B 92 -17.24 -15.56 -7.09
C ASP B 92 -17.46 -14.82 -5.78
N ILE B 93 -16.45 -14.07 -5.32
CA ILE B 93 -16.52 -13.45 -4.01
C ILE B 93 -17.60 -12.37 -3.97
N ALA B 94 -17.71 -11.57 -5.03
CA ALA B 94 -18.60 -10.42 -5.00
C ALA B 94 -20.07 -10.83 -4.84
N TYR B 95 -20.43 -12.00 -5.36
CA TYR B 95 -21.83 -12.43 -5.36
C TYR B 95 -22.17 -13.38 -4.21
N ILE B 96 -21.19 -13.76 -3.39
CA ILE B 96 -21.52 -14.38 -2.12
C ILE B 96 -22.21 -13.37 -1.21
N GLN B 97 -21.80 -12.09 -1.29
CA GLN B 97 -22.48 -11.05 -0.52
C GLN B 97 -23.96 -10.98 -0.90
N GLU B 98 -24.27 -11.14 -2.19
CA GLU B 98 -25.67 -11.08 -2.61
C GLU B 98 -26.47 -12.22 -2.00
N ARG B 99 -25.91 -13.43 -1.99
CA ARG B 99 -26.62 -14.58 -1.42
C ARG B 99 -26.77 -14.43 0.09
N MET B 100 -25.71 -13.99 0.77
CA MET B 100 -25.75 -13.91 2.23
C MET B 100 -26.63 -12.77 2.71
N ALA B 101 -26.68 -11.67 1.96
CA ALA B 101 -27.60 -10.59 2.32
C ALA B 101 -29.06 -11.03 2.12
N THR B 102 -29.32 -11.89 1.14
CA THR B 102 -30.68 -12.41 0.96
C THR B 102 -31.05 -13.36 2.09
N VAL B 103 -30.10 -14.21 2.51
CA VAL B 103 -30.36 -15.11 3.63
C VAL B 103 -30.66 -14.32 4.90
N ALA B 104 -29.87 -13.27 5.15
CA ALA B 104 -30.07 -12.46 6.35
C ALA B 104 -31.42 -11.77 6.33
N ASP B 105 -31.87 -11.31 5.16
CA ASP B 105 -33.15 -10.62 5.10
C ASP B 105 -34.31 -11.60 5.25
N LEU B 106 -34.21 -12.77 4.63
CA LEU B 106 -35.27 -13.77 4.77
C LEU B 106 -35.38 -14.26 6.22
N LEU B 107 -34.26 -14.41 6.91
CA LEU B 107 -34.29 -14.84 8.29
C LEU B 107 -34.76 -13.73 9.22
N ASP B 108 -34.57 -12.46 8.82
CA ASP B 108 -35.07 -11.35 9.62
C ASP B 108 -36.58 -11.21 9.51
N LYS B 109 -37.11 -11.33 8.29
CA LYS B 109 -38.55 -11.15 8.08
C LYS B 109 -39.34 -12.39 8.49
N HIS B 110 -38.85 -13.58 8.15
CA HIS B 110 -39.57 -14.83 8.39
C HIS B 110 -38.65 -15.85 9.05
N PRO B 111 -38.37 -15.70 10.33
CA PRO B 111 -37.58 -16.71 11.03
C PRO B 111 -38.38 -17.98 11.27
N GLY B 112 -37.71 -19.13 11.16
CA GLY B 112 -38.37 -20.41 11.22
C GLY B 112 -39.02 -20.83 9.92
N SER B 113 -39.08 -19.93 8.94
CA SER B 113 -39.71 -20.21 7.67
C SER B 113 -38.96 -21.28 6.89
N GLU B 114 -39.69 -22.01 6.05
CA GLU B 114 -39.05 -23.01 5.20
C GLU B 114 -38.22 -22.34 4.10
N GLU B 115 -38.69 -21.21 3.57
CA GLU B 115 -37.96 -20.58 2.48
C GLU B 115 -36.70 -19.87 2.98
N ALA B 116 -36.69 -19.42 4.23
CA ALA B 116 -35.46 -18.88 4.80
C ALA B 116 -34.46 -19.98 5.12
N ARG B 117 -34.96 -21.13 5.63
CA ARG B 117 -34.08 -22.25 5.93
C ARG B 117 -33.45 -22.81 4.65
N SER B 118 -34.22 -22.87 3.57
CA SER B 118 -33.67 -23.36 2.31
C SER B 118 -32.59 -22.43 1.78
N ALA B 119 -32.79 -21.12 1.90
CA ALA B 119 -31.76 -20.18 1.45
C ALA B 119 -30.49 -20.32 2.29
N PHE B 120 -30.65 -20.54 3.59
CA PHE B 120 -29.48 -20.71 4.45
C PHE B 120 -28.73 -21.99 4.10
N ASN B 121 -29.45 -23.09 3.93
CA ASN B 121 -28.81 -24.37 3.65
C ASN B 121 -28.16 -24.37 2.27
N ASN B 122 -28.80 -23.74 1.29
CA ASN B 122 -28.22 -23.69 -0.05
C ASN B 122 -26.92 -22.91 -0.07
N LEU B 123 -26.88 -21.76 0.61
CA LEU B 123 -25.64 -20.98 0.64
C LEU B 123 -24.58 -21.69 1.47
N ALA B 124 -24.97 -22.32 2.58
CA ALA B 124 -24.02 -23.07 3.39
C ALA B 124 -23.34 -24.16 2.58
N GLU B 125 -24.07 -24.77 1.63
CA GLU B 125 -23.48 -25.74 0.73
C GLU B 125 -22.65 -25.08 -0.36
N ASN B 126 -23.07 -23.91 -0.83
CA ASN B 126 -22.41 -23.29 -1.97
C ASN B 126 -21.07 -22.67 -1.61
N ILE B 127 -20.90 -22.16 -0.38
CA ILE B 127 -19.61 -21.63 0.04
C ILE B 127 -18.63 -22.72 0.44
N ASP B 128 -19.06 -23.98 0.47
CA ASP B 128 -18.15 -25.08 0.71
C ASP B 128 -17.06 -25.11 -0.35
N GLY B 129 -15.81 -24.95 0.08
CA GLY B 129 -14.68 -25.03 -0.83
C GLY B 129 -14.21 -23.73 -1.42
N TYR B 130 -14.81 -22.58 -1.08
CA TYR B 130 -14.25 -21.32 -1.59
C TYR B 130 -12.84 -21.05 -1.10
N HIS B 131 -12.45 -21.57 0.06
CA HIS B 131 -11.09 -21.36 0.53
C HIS B 131 -10.07 -21.92 -0.44
N LYS B 132 -10.43 -22.97 -1.19
CA LYS B 132 -9.52 -23.55 -2.17
C LYS B 132 -9.28 -22.64 -3.35
N LYS B 133 -10.13 -21.61 -3.56
CA LYS B 133 -9.90 -20.66 -4.63
C LYS B 133 -8.66 -19.80 -4.41
N PHE B 134 -8.06 -19.86 -3.23
CA PHE B 134 -6.94 -18.98 -2.88
C PHE B 134 -5.70 -19.76 -2.47
N ASN B 135 -5.63 -21.05 -2.81
CA ASN B 135 -4.42 -21.83 -2.53
C ASN B 135 -4.09 -22.81 -3.65
N ASN B 136 -4.63 -22.62 -4.85
CA ASN B 136 -4.31 -23.45 -6.00
C ASN B 136 -3.45 -22.69 -7.01
N PHE B 137 -2.66 -21.73 -6.55
CA PHE B 137 -1.73 -21.02 -7.41
C PHE B 137 -0.33 -21.62 -7.24
N SER B 138 0.68 -20.91 -7.73
CA SER B 138 2.04 -21.32 -7.49
C SER B 138 2.36 -21.23 -6.00
N ASP B 139 3.45 -21.88 -5.59
CA ASP B 139 3.83 -21.88 -4.18
C ASP B 139 4.06 -20.47 -3.67
N ASP B 140 4.74 -19.64 -4.45
CA ASP B 140 5.03 -18.27 -4.01
C ASP B 140 3.76 -17.42 -4.00
N VAL B 141 2.88 -17.59 -4.98
CA VAL B 141 1.65 -16.82 -5.01
C VAL B 141 0.71 -17.27 -3.88
N ASN B 142 0.66 -18.57 -3.62
CA ASN B 142 -0.12 -19.07 -2.49
C ASN B 142 0.32 -18.41 -1.20
N TYR B 143 1.63 -18.34 -0.97
CA TYR B 143 2.15 -17.73 0.25
C TYR B 143 1.76 -16.27 0.36
N GLN B 144 1.85 -15.53 -0.75
CA GLN B 144 1.57 -14.10 -0.71
C GLN B 144 0.12 -13.80 -0.38
N ILE B 145 -0.81 -14.58 -0.91
CA ILE B 145 -2.23 -14.33 -0.74
C ILE B 145 -2.80 -15.10 0.46
N LEU B 146 -1.92 -15.60 1.34
CA LEU B 146 -2.37 -16.21 2.60
C LEU B 146 -3.42 -15.40 3.33
N PRO B 147 -3.33 -14.07 3.48
CA PRO B 147 -4.43 -13.33 4.10
C PRO B 147 -5.76 -13.48 3.37
N MET B 148 -5.73 -13.64 2.04
CA MET B 148 -6.97 -13.87 1.31
C MET B 148 -7.54 -15.25 1.63
N PHE B 149 -6.67 -16.25 1.78
CA PHE B 149 -7.13 -17.59 2.12
C PHE B 149 -7.80 -17.60 3.50
N SER B 150 -7.16 -16.96 4.48
CA SER B 150 -7.67 -17.04 5.85
C SER B 150 -8.93 -16.19 6.01
N THR B 151 -9.01 -15.05 5.33
CA THR B 151 -10.24 -14.27 5.36
C THR B 151 -11.41 -15.07 4.79
N THR B 152 -11.17 -15.83 3.72
CA THR B 152 -12.22 -16.66 3.15
C THR B 152 -12.66 -17.75 4.12
N VAL B 153 -11.71 -18.38 4.82
CA VAL B 153 -12.06 -19.42 5.79
C VAL B 153 -12.88 -18.82 6.93
N MET B 154 -12.48 -17.64 7.42
CA MET B 154 -13.25 -16.99 8.49
C MET B 154 -14.67 -16.67 8.03
N MET B 155 -14.82 -16.31 6.75
CA MET B 155 -16.16 -16.07 6.21
C MET B 155 -17.00 -17.34 6.23
N GLN B 156 -16.39 -18.48 5.90
CA GLN B 156 -17.13 -19.74 5.91
C GLN B 156 -17.48 -20.15 7.33
N ILE B 157 -16.50 -20.15 8.23
CA ILE B 157 -16.72 -20.67 9.58
C ILE B 157 -17.72 -19.82 10.34
N THR B 158 -17.60 -18.49 10.25
CA THR B 158 -18.50 -17.62 11.02
C THR B 158 -19.94 -17.78 10.55
N TYR B 159 -20.16 -17.90 9.24
CA TYR B 159 -21.52 -18.07 8.72
C TYR B 159 -22.09 -19.43 9.14
N TRP B 160 -21.32 -20.50 8.94
CA TRP B 160 -21.79 -21.83 9.32
C TRP B 160 -22.08 -21.91 10.82
N VAL B 161 -21.15 -21.42 11.64
CA VAL B 161 -21.31 -21.52 13.09
C VAL B 161 -22.46 -20.65 13.58
N ALA B 162 -22.62 -19.45 13.01
CA ALA B 162 -23.70 -18.57 13.42
C ALA B 162 -25.06 -19.22 13.19
N GLY B 163 -25.24 -19.87 12.03
CA GLY B 163 -26.48 -20.57 11.77
C GLY B 163 -26.64 -21.80 12.63
N LEU B 164 -25.56 -22.56 12.82
CA LEU B 164 -25.63 -23.74 13.67
C LEU B 164 -25.96 -23.38 15.10
N GLU B 165 -25.39 -22.29 15.61
CA GLU B 165 -25.69 -21.85 16.98
C GLU B 165 -27.17 -21.53 17.13
N ARG B 166 -27.80 -21.05 16.07
CA ARG B 166 -29.18 -20.57 16.07
C ARG B 166 -30.09 -21.51 15.30
N LYS B 167 -29.79 -22.80 15.41
CA LYS B 167 -30.51 -23.81 14.67
C LYS B 167 -31.99 -23.86 15.06
N ASP B 168 -32.32 -23.43 16.28
CA ASP B 168 -33.72 -23.41 16.69
C ASP B 168 -34.50 -22.33 15.95
N GLU B 169 -33.89 -21.15 15.77
CA GLU B 169 -34.56 -20.09 15.02
C GLU B 169 -34.74 -20.48 13.56
N ILE B 170 -33.69 -21.01 12.94
CA ILE B 170 -33.77 -21.39 11.54
C ILE B 170 -34.68 -22.60 11.36
N GLY B 171 -34.72 -23.49 12.34
CA GLY B 171 -35.47 -24.72 12.20
C GLY B 171 -34.72 -25.84 11.52
N LEU B 172 -33.39 -25.84 11.63
CA LEU B 172 -32.56 -26.84 10.96
C LEU B 172 -32.92 -28.25 11.41
N SER B 173 -33.05 -29.15 10.45
CA SER B 173 -33.27 -30.55 10.74
C SER B 173 -31.99 -31.20 11.28
N ASN B 174 -32.12 -32.42 11.77
CA ASN B 174 -30.96 -33.14 12.29
C ASN B 174 -29.95 -33.42 11.19
N ILE B 175 -30.42 -33.63 9.96
CA ILE B 175 -29.50 -33.84 8.84
C ILE B 175 -28.78 -32.53 8.50
N ASP B 176 -29.49 -31.40 8.58
CA ASP B 176 -28.84 -30.10 8.33
C ASP B 176 -27.78 -29.81 9.37
N ILE B 177 -28.06 -30.10 10.64
CA ILE B 177 -27.07 -29.87 11.70
C ILE B 177 -25.84 -30.74 11.47
N GLU B 178 -26.05 -32.01 11.12
CA GLU B 178 -24.93 -32.91 10.90
C GLU B 178 -24.07 -32.45 9.73
N LYS B 179 -24.70 -31.93 8.67
CA LYS B 179 -23.94 -31.55 7.49
C LYS B 179 -23.18 -30.24 7.67
N VAL B 180 -23.77 -29.27 8.37
CA VAL B 180 -23.06 -28.02 8.62
C VAL B 180 -21.88 -28.25 9.55
N ARG B 181 -22.06 -29.11 10.56
CA ARG B 181 -20.95 -29.49 11.43
C ARG B 181 -19.81 -30.11 10.62
N GLY B 182 -20.14 -31.04 9.74
CA GLY B 182 -19.11 -31.67 8.92
C GLY B 182 -18.38 -30.67 8.03
N LEU B 183 -19.10 -29.71 7.48
CA LEU B 183 -18.46 -28.65 6.70
C LEU B 183 -17.48 -27.87 7.56
N ILE B 184 -17.90 -27.48 8.77
CA ILE B 184 -17.02 -26.75 9.69
C ILE B 184 -15.79 -27.58 10.01
N LYS B 185 -15.99 -28.84 10.42
CA LYS B 185 -14.86 -29.68 10.82
C LYS B 185 -13.89 -29.88 9.66
N LYS B 186 -14.41 -30.21 8.48
CA LYS B 186 -13.55 -30.48 7.33
C LYS B 186 -12.78 -29.23 6.92
N THR B 187 -13.44 -28.07 6.90
CA THR B 187 -12.78 -26.85 6.47
C THR B 187 -11.69 -26.42 7.46
N VAL B 188 -11.94 -26.58 8.76
CA VAL B 188 -10.92 -26.23 9.74
C VAL B 188 -9.72 -27.14 9.62
N GLU B 189 -9.94 -28.44 9.46
CA GLU B 189 -8.84 -29.37 9.29
C GLU B 189 -8.04 -29.08 8.03
N GLN B 190 -8.75 -28.76 6.93
CA GLN B 190 -8.05 -28.47 5.68
C GLN B 190 -7.27 -27.16 5.76
N ALA B 191 -7.88 -26.12 6.33
CA ALA B 191 -7.21 -24.83 6.43
C ALA B 191 -6.02 -24.90 7.39
N ASN B 192 -6.19 -25.57 8.54
CA ASN B 192 -5.12 -25.64 9.52
C ASN B 192 -3.91 -26.35 8.98
N SER B 193 -4.11 -27.49 8.30
CA SER B 193 -2.97 -28.21 7.74
C SER B 193 -2.31 -27.42 6.63
N TYR B 194 -3.11 -26.74 5.80
CA TYR B 194 -2.52 -25.95 4.71
C TYR B 194 -1.70 -24.78 5.24
N ILE B 195 -2.22 -24.07 6.24
CA ILE B 195 -1.52 -22.91 6.78
C ILE B 195 -0.24 -23.34 7.49
N ASN B 196 -0.32 -24.38 8.31
CA ASN B 196 0.86 -24.83 9.05
C ASN B 196 1.92 -25.41 8.11
N ASN B 197 1.51 -25.96 6.97
CA ASN B 197 2.49 -26.49 6.02
C ASN B 197 3.24 -25.37 5.30
N ILE B 198 2.50 -24.38 4.79
CA ILE B 198 3.17 -23.32 4.04
C ILE B 198 3.98 -22.42 4.98
N TYR B 199 3.57 -22.33 6.25
CA TYR B 199 4.40 -21.71 7.28
C TYR B 199 5.70 -22.47 7.46
N ASP B 200 5.59 -23.79 7.66
CA ASP B 200 6.77 -24.63 7.86
C ASP B 200 7.72 -24.57 6.66
N ARG B 201 7.16 -24.59 5.44
CA ARG B 201 8.01 -24.60 4.25
C ARG B 201 8.77 -23.28 4.10
N GLU B 202 8.07 -22.15 4.23
CA GLU B 202 8.73 -20.87 4.08
C GLU B 202 9.75 -20.62 5.17
N LEU B 203 9.44 -21.05 6.40
CA LEU B 203 10.37 -20.85 7.51
C LEU B 203 11.64 -21.67 7.31
N ASN B 204 11.49 -22.94 6.92
CA ASN B 204 12.67 -23.77 6.65
C ASN B 204 13.44 -23.24 5.44
N ASP B 205 12.73 -22.70 4.45
CA ASP B 205 13.41 -22.09 3.30
C ASP B 205 14.22 -20.88 3.73
N ALA B 206 13.62 -20.01 4.56
CA ALA B 206 14.34 -18.83 5.04
C ALA B 206 15.49 -19.21 5.95
N LEU B 207 15.35 -20.28 6.74
CA LEU B 207 16.40 -20.66 7.68
C LEU B 207 17.62 -21.22 6.97
N ASN B 208 17.41 -22.00 5.91
CA ASN B 208 18.50 -22.73 5.28
C ASN B 208 19.05 -22.07 4.03
N ASN B 209 18.34 -21.12 3.44
CA ASN B 209 18.75 -20.54 2.16
C ASN B 209 19.00 -19.03 2.23
N SER B 210 19.05 -18.46 3.43
CA SER B 210 19.44 -17.06 3.59
C SER B 210 20.94 -16.97 3.86
N THR B 211 21.46 -15.75 3.72
CA THR B 211 22.84 -15.48 4.08
C THR B 211 22.93 -15.04 5.54
N ALA B 212 24.16 -14.95 6.04
CA ALA B 212 24.38 -14.54 7.42
C ALA B 212 23.84 -13.14 7.69
N ASP B 213 23.85 -12.27 6.68
CA ASP B 213 23.43 -10.89 6.84
C ASP B 213 21.94 -10.68 6.64
N THR B 214 21.20 -11.67 6.16
CA THR B 214 19.79 -11.51 5.86
C THR B 214 18.87 -12.46 6.60
N VAL B 215 19.39 -13.47 7.30
CA VAL B 215 18.54 -14.55 7.80
C VAL B 215 17.62 -14.05 8.90
N ALA B 216 18.09 -13.13 9.74
CA ALA B 216 17.29 -12.70 10.88
C ALA B 216 15.99 -12.05 10.42
N ASN B 217 16.10 -11.04 9.55
CA ASN B 217 14.90 -10.37 9.05
C ASN B 217 14.08 -11.26 8.13
N ASN B 218 14.75 -12.15 7.38
CA ASN B 218 14.01 -13.09 6.53
C ASN B 218 13.14 -14.01 7.38
N VAL B 219 13.67 -14.52 8.50
CA VAL B 219 12.92 -15.43 9.34
C VAL B 219 11.83 -14.68 10.11
N MET B 220 12.14 -13.49 10.63
CA MET B 220 11.12 -12.70 11.32
C MET B 220 9.99 -12.30 10.37
N SER B 221 10.30 -12.05 9.10
CA SER B 221 9.26 -11.71 8.13
C SER B 221 8.30 -12.88 7.95
N VAL B 222 8.82 -14.10 7.87
CA VAL B 222 7.95 -15.27 7.75
C VAL B 222 7.10 -15.43 9.00
N HIS B 223 7.71 -15.26 10.18
CA HIS B 223 6.95 -15.35 11.43
C HIS B 223 5.83 -14.32 11.45
N GLY B 224 6.15 -13.06 11.11
CA GLY B 224 5.13 -12.04 11.11
C GLY B 224 4.00 -12.32 10.14
N HIS B 225 4.34 -12.63 8.89
CA HIS B 225 3.34 -12.85 7.86
C HIS B 225 2.43 -14.03 8.19
N CYS B 226 3.03 -15.17 8.56
CA CYS B 226 2.26 -16.38 8.77
C CYS B 226 1.48 -16.36 10.08
N ARG B 227 1.98 -15.69 11.10
CA ARG B 227 1.24 -15.65 12.36
C ARG B 227 0.14 -14.60 12.31
N LEU B 228 0.41 -13.45 11.70
CA LEU B 228 -0.60 -12.39 11.61
C LEU B 228 -1.75 -12.79 10.68
N HIS B 229 -1.41 -13.47 9.58
CA HIS B 229 -2.40 -13.82 8.56
C HIS B 229 -2.72 -15.31 8.53
N GLY B 230 -2.26 -16.06 9.53
CA GLY B 230 -2.57 -17.48 9.59
C GLY B 230 -2.84 -17.99 10.99
N ILE B 231 -1.81 -18.06 11.83
CA ILE B 231 -1.95 -18.68 13.15
C ILE B 231 -2.98 -17.90 13.98
N GLU B 232 -2.97 -16.58 13.87
CA GLU B 232 -3.93 -15.76 14.59
C GLU B 232 -5.36 -16.09 14.18
N TYR B 233 -5.58 -16.32 12.89
CA TYR B 233 -6.89 -16.78 12.42
C TYR B 233 -7.25 -18.13 13.03
N ILE B 234 -6.31 -19.08 13.02
CA ILE B 234 -6.59 -20.43 13.50
C ILE B 234 -7.04 -20.39 14.95
N SER B 235 -6.37 -19.58 15.77
CA SER B 235 -6.76 -19.45 17.17
C SER B 235 -8.22 -19.04 17.31
N ILE B 236 -8.73 -18.24 16.37
CA ILE B 236 -10.10 -17.77 16.48
C ILE B 236 -11.08 -18.86 16.04
N TRP B 237 -10.95 -19.37 14.81
CA TRP B 237 -11.95 -20.30 14.33
C TRP B 237 -11.84 -21.67 14.98
N ASP B 238 -10.71 -21.99 15.62
CA ASP B 238 -10.64 -23.22 16.40
C ASP B 238 -11.65 -23.18 17.55
N ARG B 239 -11.79 -22.03 18.20
CA ARG B 239 -12.74 -21.93 19.31
C ARG B 239 -14.15 -21.64 18.82
N LEU B 240 -14.32 -21.07 17.62
CA LEU B 240 -15.64 -21.00 17.01
C LEU B 240 -16.17 -22.40 16.73
N SER B 241 -15.33 -23.27 16.16
CA SER B 241 -15.78 -24.61 15.80
C SER B 241 -15.98 -25.48 17.04
N GLU B 242 -15.12 -25.33 18.05
CA GLU B 242 -15.25 -26.15 19.26
C GLU B 242 -16.47 -25.74 20.07
N ALA B 243 -16.71 -24.44 20.24
CA ALA B 243 -17.84 -23.98 21.01
C ALA B 243 -19.13 -23.95 20.20
N GLU B 244 -19.05 -23.99 18.88
CA GLU B 244 -20.22 -23.87 18.00
C GLU B 244 -21.02 -22.62 18.34
N SER B 245 -20.31 -21.51 18.52
CA SER B 245 -20.93 -20.26 18.93
C SER B 245 -20.09 -19.09 18.48
N VAL B 246 -20.75 -17.96 18.26
CA VAL B 246 -20.09 -16.69 17.97
C VAL B 246 -20.48 -15.63 19.01
N ASN B 247 -21.00 -16.06 20.16
CA ASN B 247 -21.48 -15.14 21.18
C ASN B 247 -20.46 -14.87 22.29
N ASN B 248 -19.39 -15.65 22.37
CA ASN B 248 -18.47 -15.59 23.50
C ASN B 248 -17.27 -14.71 23.19
N ARG B 249 -16.68 -14.15 24.24
CA ARG B 249 -15.42 -13.42 24.13
C ARG B 249 -14.28 -14.41 23.95
N ILE B 250 -13.42 -14.15 22.98
CA ILE B 250 -12.32 -15.06 22.64
C ILE B 250 -11.01 -14.33 22.89
N TYR B 251 -10.19 -14.87 23.79
CA TYR B 251 -8.86 -14.32 24.04
C TYR B 251 -7.86 -15.00 23.11
N VAL B 252 -7.13 -14.20 22.35
CA VAL B 252 -6.10 -14.69 21.44
C VAL B 252 -4.74 -14.38 22.09
N ASP B 253 -4.00 -15.43 22.43
CA ASP B 253 -2.68 -15.28 23.02
C ASP B 253 -1.56 -15.42 21.99
N VAL B 254 -1.91 -15.46 20.70
CA VAL B 254 -0.94 -15.60 19.64
C VAL B 254 -0.21 -14.28 19.42
N LEU B 255 1.10 -14.35 19.25
CA LEU B 255 1.90 -13.20 18.89
C LEU B 255 2.31 -13.30 17.43
N SER B 256 2.27 -12.18 16.72
CA SER B 256 2.97 -12.01 15.47
C SER B 256 4.15 -11.06 15.71
N TYR B 257 5.04 -10.95 14.73
CA TYR B 257 6.30 -10.27 14.94
C TYR B 257 6.62 -9.32 13.80
N SER B 258 7.52 -8.39 14.07
CA SER B 258 8.07 -7.49 13.07
C SER B 258 9.50 -7.88 12.76
N THR B 259 10.06 -7.22 11.74
CA THR B 259 11.48 -7.37 11.44
C THR B 259 12.29 -6.40 12.29
N PHE B 260 13.61 -6.44 12.14
CA PHE B 260 14.50 -5.55 12.86
C PHE B 260 14.83 -4.33 12.02
N PHE B 261 14.93 -3.19 12.70
CA PHE B 261 15.32 -1.91 12.10
C PHE B 261 16.36 -1.29 13.00
N ASP B 262 17.52 -0.93 12.46
CA ASP B 262 17.77 -0.89 11.02
C ASP B 262 19.05 -1.64 10.62
N ARG B 263 19.72 -2.29 11.57
CA ARG B 263 20.94 -3.03 11.28
C ARG B 263 20.92 -4.38 12.00
N GLN B 264 21.11 -5.45 11.23
CA GLN B 264 21.10 -6.80 11.79
C GLN B 264 22.38 -7.06 12.57
N THR B 265 22.24 -7.70 13.74
CA THR B 265 23.37 -8.04 14.60
C THR B 265 23.30 -9.51 15.01
N ALA B 266 24.37 -9.95 15.69
CA ALA B 266 24.42 -11.32 16.16
C ALA B 266 23.38 -11.58 17.24
N LYS B 267 23.17 -10.61 18.15
CA LYS B 267 22.16 -10.78 19.18
C LYS B 267 20.77 -10.85 18.56
N ALA B 268 20.49 -10.01 17.56
CA ALA B 268 19.19 -10.07 16.89
C ALA B 268 19.03 -11.34 16.08
N ARG B 269 20.12 -11.86 15.51
CA ARG B 269 20.06 -13.13 14.81
C ARG B 269 19.77 -14.28 15.76
N ILE B 270 20.29 -14.23 16.99
CA ILE B 270 19.99 -15.27 17.96
C ILE B 270 18.51 -15.28 18.29
N GLN B 271 17.88 -14.10 18.36
CA GLN B 271 16.46 -14.02 18.68
C GLN B 271 15.61 -14.55 17.52
N ALA B 272 15.92 -14.13 16.29
CA ALA B 272 15.13 -14.54 15.14
C ALA B 272 15.23 -16.04 14.88
N LEU B 273 16.38 -16.64 15.18
CA LEU B 273 16.61 -18.05 14.94
C LEU B 273 16.19 -18.91 16.13
N THR B 274 15.61 -18.31 17.15
CA THR B 274 15.00 -19.08 18.23
C THR B 274 13.63 -19.57 17.78
N PRO B 275 13.32 -20.86 17.96
CA PRO B 275 11.95 -21.33 17.66
C PRO B 275 10.92 -20.49 18.40
N GLU B 276 9.84 -20.13 17.69
CA GLU B 276 8.85 -19.24 18.26
C GLU B 276 8.29 -19.79 19.57
N LYS B 277 8.10 -21.11 19.63
CA LYS B 277 7.62 -21.73 20.86
C LYS B 277 8.61 -21.60 22.01
N ASP B 278 9.86 -21.24 21.74
CA ASP B 278 10.87 -21.09 22.78
C ASP B 278 11.27 -19.65 23.06
N MET B 279 10.68 -18.68 22.35
CA MET B 279 11.05 -17.28 22.59
C MET B 279 10.59 -16.84 23.98
N THR B 280 11.40 -15.97 24.57
CA THR B 280 11.21 -15.53 25.96
C THR B 280 10.95 -14.03 26.00
N PRO B 281 10.54 -13.47 27.15
CA PRO B 281 10.53 -12.01 27.29
C PRO B 281 11.92 -11.45 27.09
N PRO B 282 12.04 -10.15 26.72
CA PRO B 282 10.92 -9.21 26.59
C PRO B 282 10.25 -9.20 25.21
N LEU B 283 10.81 -9.93 24.23
CA LEU B 283 10.21 -9.95 22.90
C LEU B 283 8.89 -10.70 22.89
N LYS B 284 8.84 -11.85 23.57
CA LYS B 284 7.60 -12.62 23.67
C LYS B 284 7.15 -12.62 25.13
N PRO B 285 6.08 -11.91 25.47
CA PRO B 285 5.63 -11.90 26.87
C PRO B 285 5.15 -13.26 27.31
N ALA B 286 5.40 -13.58 28.57
CA ALA B 286 4.98 -14.85 29.14
C ALA B 286 3.47 -14.83 29.41
N LEU B 287 2.94 -16.01 29.70
CA LEU B 287 1.52 -16.18 30.01
C LEU B 287 1.30 -16.22 31.52
N ASN B 288 0.20 -15.62 31.96
CA ASN B 288 -0.24 -15.69 33.34
C ASN B 288 -1.75 -15.58 33.37
N GLY B 289 -2.40 -16.52 34.06
CA GLY B 289 -3.85 -16.57 34.04
C GLY B 289 -4.41 -16.81 32.66
N GLY B 290 -3.67 -17.49 31.79
CA GLY B 290 -4.10 -17.68 30.43
C GLY B 290 -4.05 -16.44 29.57
N LYS B 291 -3.35 -15.40 30.02
CA LYS B 291 -3.27 -14.13 29.32
C LYS B 291 -1.82 -13.67 29.26
N ARG B 292 -1.46 -13.00 28.16
CA ARG B 292 -0.11 -12.49 28.01
C ARG B 292 0.13 -11.36 29.01
N ARG B 293 1.27 -11.44 29.71
CA ARG B 293 1.60 -10.41 30.70
C ARG B 293 1.76 -9.05 30.03
N LYS B 294 1.16 -8.03 30.65
CA LYS B 294 1.25 -6.67 30.13
C LYS B 294 2.59 -6.03 30.50
N ILE B 295 2.97 -5.04 29.71
CA ILE B 295 4.12 -4.20 30.04
C ILE B 295 3.67 -3.13 31.02
N ASP B 296 4.33 -3.06 32.18
CA ASP B 296 3.98 -2.02 33.15
C ASP B 296 4.74 -0.72 32.92
N SER B 297 6.03 -0.80 32.57
CA SER B 297 6.83 0.40 32.45
C SER B 297 7.93 0.18 31.44
N LEU B 298 8.38 1.28 30.83
CA LEU B 298 9.49 1.29 29.89
C LEU B 298 10.48 2.35 30.32
N THR B 299 11.76 1.99 30.39
CA THR B 299 12.84 2.93 30.66
C THR B 299 13.80 2.91 29.48
N GLY B 300 13.89 4.04 28.77
CA GLY B 300 14.81 4.16 27.66
C GLY B 300 16.13 4.75 28.13
N HIS B 301 17.22 4.20 27.60
CA HIS B 301 18.57 4.62 27.95
C HIS B 301 19.16 5.43 26.79
N ILE B 302 19.64 6.62 27.09
CA ILE B 302 20.15 7.54 26.08
C ILE B 302 21.67 7.52 26.10
N VAL B 303 22.27 7.54 24.92
CA VAL B 303 23.71 7.70 24.77
C VAL B 303 23.96 8.94 23.92
N ARG B 304 25.07 9.61 24.19
CA ARG B 304 25.43 10.84 23.49
C ARG B 304 26.42 10.51 22.39
N ILE B 305 26.04 10.79 21.15
CA ILE B 305 26.89 10.58 19.98
C ILE B 305 27.19 11.97 19.42
N GLY B 306 28.40 12.47 19.68
CA GLY B 306 28.73 13.82 19.28
C GLY B 306 27.85 14.88 19.92
N GLY B 307 27.41 14.65 21.16
CA GLY B 307 26.53 15.56 21.84
C GLY B 307 25.06 15.39 21.53
N ALA B 308 24.70 14.59 20.53
CA ALA B 308 23.32 14.38 20.18
C ALA B 308 22.75 13.18 20.94
N ALA B 309 21.48 13.28 21.31
CA ALA B 309 20.82 12.20 22.05
C ALA B 309 20.39 11.10 21.09
N ARG B 310 20.80 9.87 21.38
CA ARG B 310 20.46 8.72 20.56
C ARG B 310 20.02 7.59 21.48
N VAL B 311 19.23 6.67 20.93
CA VAL B 311 18.76 5.53 21.70
C VAL B 311 19.94 4.59 21.96
N GLY B 312 20.14 4.25 23.23
CA GLY B 312 21.23 3.37 23.60
C GLY B 312 20.74 2.01 24.08
N GLY B 313 19.70 2.02 24.90
CA GLY B 313 19.18 0.77 25.43
C GLY B 313 17.74 0.92 25.86
N LEU B 314 17.21 -0.15 26.43
CA LEU B 314 15.82 -0.18 26.86
C LEU B 314 15.67 -1.20 27.98
N THR B 315 14.94 -0.82 29.02
CA THR B 315 14.55 -1.73 30.10
C THR B 315 13.04 -1.91 30.03
N VAL B 316 12.59 -3.16 29.85
CA VAL B 316 11.18 -3.50 29.76
C VAL B 316 10.77 -4.20 31.06
N VAL B 317 9.69 -3.73 31.67
CA VAL B 317 9.20 -4.25 32.94
C VAL B 317 7.76 -4.71 32.75
N PHE B 318 7.50 -5.98 33.05
CA PHE B 318 6.18 -6.58 32.89
C PHE B 318 5.43 -6.56 34.21
N ASP B 319 4.18 -7.03 34.18
CA ASP B 319 3.29 -6.87 35.33
C ASP B 319 3.54 -7.87 36.45
N ASP B 320 4.59 -8.69 36.34
CA ASP B 320 5.04 -9.52 37.45
C ASP B 320 6.24 -8.91 38.17
N GLY B 321 6.70 -7.74 37.73
CA GLY B 321 7.87 -7.12 38.29
C GLY B 321 9.18 -7.52 37.65
N SER B 322 9.15 -8.39 36.64
CA SER B 322 10.37 -8.84 36.00
C SER B 322 10.94 -7.74 35.10
N ARG B 323 12.24 -7.49 35.22
CA ARG B 323 12.92 -6.47 34.44
C ARG B 323 13.80 -7.13 33.40
N HIS B 324 13.83 -6.55 32.20
CA HIS B 324 14.61 -7.08 31.08
C HIS B 324 15.39 -5.93 30.45
N GLN B 325 16.71 -5.97 30.57
CA GLN B 325 17.58 -4.93 30.04
C GLN B 325 18.02 -5.31 28.63
N LEU B 326 17.90 -4.35 27.71
CA LEU B 326 18.30 -4.53 26.32
C LEU B 326 19.31 -3.44 25.96
N GLY B 327 20.40 -3.83 25.32
CA GLY B 327 21.36 -2.84 24.83
C GLY B 327 22.15 -2.16 25.93
N THR B 328 22.52 -0.91 25.67
CA THR B 328 23.41 -0.16 26.55
C THR B 328 22.63 0.46 27.70
N ILE B 329 23.05 0.16 28.92
CA ILE B 329 22.33 0.56 30.14
C ILE B 329 23.05 1.79 30.68
N SER B 330 22.61 2.97 30.26
CA SER B 330 23.26 4.23 30.60
C SER B 330 22.54 4.93 31.75
N SER B 331 23.14 6.02 32.22
CA SER B 331 22.65 6.79 33.36
C SER B 331 21.75 7.96 32.95
N GLU B 332 21.62 8.23 31.66
CA GLU B 332 20.64 9.19 31.16
C GLU B 332 19.43 8.40 30.69
N THR B 333 18.33 8.50 31.43
CA THR B 333 17.15 7.68 31.16
C THR B 333 15.90 8.56 31.13
N SER B 334 14.86 8.00 30.51
CA SER B 334 13.53 8.60 30.51
C SER B 334 12.53 7.45 30.56
N SER B 335 11.64 7.48 31.55
CA SER B 335 10.74 6.37 31.82
C SER B 335 9.28 6.80 31.68
N ILE B 336 8.42 5.80 31.51
CA ILE B 336 6.97 6.01 31.44
C ILE B 336 6.29 4.84 32.13
N SER B 337 5.18 5.12 32.81
CA SER B 337 4.39 4.10 33.48
C SER B 337 3.10 3.92 32.69
N LEU B 338 2.87 2.70 32.18
CA LEU B 338 1.78 2.48 31.24
C LEU B 338 0.42 2.52 31.93
N ASN B 339 0.36 2.15 33.22
CA ASN B 339 -0.87 2.23 34.01
C ASN B 339 -2.01 1.44 33.37
N GLY B 340 -1.68 0.30 32.77
CA GLY B 340 -2.66 -0.53 32.11
C GLY B 340 -2.95 -0.19 30.67
N SER B 341 -2.53 0.98 30.20
CA SER B 341 -2.72 1.35 28.80
C SER B 341 -1.70 0.62 27.93
N ARG B 342 -2.14 0.25 26.73
CA ARG B 342 -1.32 -0.57 25.84
C ARG B 342 -0.59 0.29 24.82
N ILE B 343 0.55 -0.23 24.36
CA ILE B 343 1.32 0.43 23.31
C ILE B 343 0.64 0.17 21.96
N THR B 344 0.26 1.25 21.27
CA THR B 344 -0.38 1.10 19.98
C THR B 344 0.58 1.26 18.81
N SER B 345 1.69 1.97 18.98
CA SER B 345 2.61 2.18 17.88
C SER B 345 3.99 2.50 18.42
N LEU B 346 5.00 2.14 17.62
CA LEU B 346 6.38 2.54 17.84
C LEU B 346 6.88 3.16 16.56
N GLU B 347 7.48 4.35 16.66
CA GLU B 347 8.07 5.05 15.54
C GLU B 347 9.56 5.21 15.79
N VAL B 348 10.37 4.83 14.80
CA VAL B 348 11.82 4.87 14.93
C VAL B 348 12.42 5.63 13.76
N TRP B 349 13.44 6.43 14.04
CA TRP B 349 14.25 7.07 13.04
C TRP B 349 15.67 6.51 13.15
N GLY B 350 16.33 6.34 12.01
CA GLY B 350 17.68 5.82 12.02
C GLY B 350 18.09 5.35 10.65
N ASN B 351 19.41 5.29 10.45
CA ASN B 351 19.99 4.80 9.20
C ASN B 351 21.19 3.93 9.57
N GLY B 352 20.96 2.62 9.65
CA GLY B 352 21.95 1.72 10.19
C GLY B 352 22.00 1.68 11.70
N ALA B 353 21.10 2.39 12.37
CA ALA B 353 21.04 2.43 13.83
C ALA B 353 19.65 2.92 14.23
N VAL B 354 19.43 3.04 15.53
CA VAL B 354 18.18 3.55 16.08
C VAL B 354 18.49 4.90 16.71
N ASP B 355 18.16 5.98 15.99
CA ASP B 355 18.45 7.33 16.49
C ASP B 355 17.41 7.79 17.50
N GLN B 356 16.14 7.66 17.16
CA GLN B 356 15.05 8.11 18.01
C GLN B 356 13.93 7.08 17.98
N ALA B 357 13.31 6.85 19.14
CA ALA B 357 12.18 5.92 19.25
C ALA B 357 11.07 6.58 20.03
N VAL B 358 9.84 6.49 19.51
CA VAL B 358 8.66 7.11 20.12
C VAL B 358 7.62 6.02 20.31
N PHE B 359 7.40 5.62 21.56
CA PHE B 359 6.30 4.73 21.92
C PHE B 359 5.07 5.57 22.24
N THR B 360 3.93 5.19 21.66
CA THR B 360 2.66 5.87 21.92
C THR B 360 1.69 4.88 22.54
N LEU B 361 1.04 5.30 23.61
CA LEU B 361 0.05 4.48 24.32
C LEU B 361 -1.36 4.80 23.84
N ARG B 362 -2.28 3.87 24.11
CA ARG B 362 -3.67 4.07 23.71
C ARG B 362 -4.29 5.31 24.35
N ASP B 363 -3.88 5.63 25.58
CA ASP B 363 -4.44 6.78 26.28
C ASP B 363 -3.85 8.12 25.82
N GLY B 364 -2.99 8.12 24.81
CA GLY B 364 -2.45 9.34 24.25
C GLY B 364 -1.09 9.73 24.78
N ARG B 365 -0.65 9.16 25.90
CA ARG B 365 0.67 9.46 26.41
C ARG B 365 1.74 8.79 25.55
N SER B 366 2.94 9.37 25.59
CA SER B 366 4.03 8.87 24.76
C SER B 366 5.35 9.02 25.50
N LEU B 367 6.32 8.20 25.09
CA LEU B 367 7.68 8.26 25.58
C LEU B 367 8.61 8.40 24.38
N SER B 368 9.29 9.54 24.29
CA SER B 368 10.18 9.86 23.19
C SER B 368 11.63 9.74 23.65
N LEU B 369 12.43 8.99 22.91
CA LEU B 369 13.81 8.71 23.29
C LEU B 369 14.74 9.09 22.15
N GLY B 370 15.77 9.88 22.45
CA GLY B 370 16.75 10.24 21.47
C GLY B 370 16.28 11.35 20.54
N SER B 371 17.02 11.50 19.44
CA SER B 371 16.76 12.54 18.46
C SER B 371 17.15 12.02 17.09
N PRO B 372 16.49 12.46 16.03
CA PRO B 372 16.75 11.88 14.70
C PRO B 372 17.95 12.52 14.04
N GLY B 373 18.80 11.67 13.45
CA GLY B 373 19.93 12.13 12.67
C GLY B 373 19.75 11.82 11.20
N THR B 374 18.49 11.58 10.81
CA THR B 374 18.13 11.21 9.45
C THR B 374 16.62 11.32 9.31
N SER B 375 16.17 11.33 8.06
CA SER B 375 14.74 11.23 7.78
C SER B 375 14.26 9.79 7.64
N ARG B 376 15.18 8.83 7.53
CA ARG B 376 14.80 7.43 7.38
C ARG B 376 13.92 6.99 8.55
N TYR B 377 12.77 6.42 8.22
CA TYR B 377 11.68 6.29 9.17
C TYR B 377 11.03 4.92 9.04
N ARG B 378 10.57 4.39 10.17
CA ARG B 378 9.92 3.07 10.21
C ARG B 378 8.86 3.08 11.30
N LYS B 379 7.63 2.77 10.92
CA LYS B 379 6.50 2.74 11.85
C LYS B 379 6.12 1.30 12.14
N PHE B 380 6.02 0.96 13.43
CA PHE B 380 5.52 -0.34 13.88
C PHE B 380 4.09 -0.12 14.37
N HIS B 381 3.10 -0.47 13.54
CA HIS B 381 1.71 -0.23 13.84
C HIS B 381 0.82 -1.01 12.88
N VAL B 382 0.00 -1.91 13.40
CA VAL B 382 -0.77 -2.82 12.56
C VAL B 382 -2.21 -2.33 12.38
N GLY B 383 -2.85 -1.85 13.44
CA GLY B 383 -4.20 -1.34 13.31
C GLY B 383 -4.71 -0.82 14.63
N GLU B 384 -6.04 -0.79 14.75
CA GLU B 384 -6.68 -0.29 15.96
C GLU B 384 -6.96 -1.39 16.98
N SER B 385 -6.75 -2.66 16.63
CA SER B 385 -7.00 -3.77 17.53
C SER B 385 -5.76 -4.61 17.78
N HIS B 386 -4.59 -4.19 17.29
CA HIS B 386 -3.33 -4.87 17.52
C HIS B 386 -2.41 -3.94 18.32
N TYR B 387 -1.79 -4.48 19.36
CA TYR B 387 -0.93 -3.71 20.24
C TYR B 387 0.44 -4.34 20.32
N ILE B 388 1.43 -3.53 20.66
CA ILE B 388 2.81 -4.01 20.82
C ILE B 388 2.93 -4.66 22.19
N ALA B 389 3.09 -5.98 22.21
CA ALA B 389 3.13 -6.75 23.44
C ALA B 389 4.55 -7.09 23.89
N GLY B 390 5.55 -6.92 23.03
CA GLY B 390 6.91 -7.22 23.40
C GLY B 390 7.89 -6.46 22.52
N ILE B 391 9.11 -6.31 23.03
CA ILE B 391 10.12 -5.49 22.37
C ILE B 391 11.46 -6.22 22.45
N TYR B 392 12.26 -6.13 21.40
CA TYR B 392 13.65 -6.53 21.49
C TYR B 392 14.53 -5.44 20.88
N LEU B 393 15.72 -5.28 21.47
CA LEU B 393 16.66 -4.26 21.05
C LEU B 393 18.07 -4.73 21.38
N SER B 394 19.02 -4.40 20.52
CA SER B 394 20.40 -4.80 20.74
C SER B 394 21.33 -3.70 20.23
N SER B 395 22.50 -3.61 20.85
CA SER B 395 23.51 -2.62 20.51
C SER B 395 24.87 -3.26 20.27
N ASP B 396 24.88 -4.53 19.85
CA ASP B 396 26.14 -5.28 19.69
C ASP B 396 26.73 -5.07 18.29
N TYR B 397 26.94 -3.80 17.96
CA TYR B 397 27.69 -3.41 16.76
C TYR B 397 28.71 -2.39 17.22
N SER B 398 29.96 -2.83 17.32
CA SER B 398 31.02 -2.00 17.92
C SER B 398 31.16 -0.60 17.32
N PRO B 399 31.11 -0.39 16.00
CA PRO B 399 31.27 0.96 15.47
C PRO B 399 30.18 1.94 15.91
N LEU B 400 29.07 1.47 16.45
CA LEU B 400 28.03 2.38 16.91
C LEU B 400 28.29 2.92 18.32
N ALA B 401 29.27 2.35 19.03
CA ALA B 401 29.79 2.93 20.27
C ALA B 401 28.71 3.10 21.34
N GLY B 402 27.86 2.08 21.48
CA GLY B 402 26.81 2.07 22.48
C GLY B 402 25.42 2.34 21.95
N GLN B 403 25.32 3.01 20.80
CA GLN B 403 24.02 3.31 20.22
C GLN B 403 23.33 2.02 19.74
N ALA B 404 22.01 1.99 19.89
CA ALA B 404 21.25 0.81 19.49
C ALA B 404 21.33 0.60 17.99
N ALA B 405 21.53 -0.66 17.59
CA ALA B 405 21.63 -1.01 16.18
C ALA B 405 20.28 -1.43 15.59
N ASN B 406 19.46 -2.14 16.36
CA ASN B 406 18.20 -2.64 15.84
C ASN B 406 17.14 -2.64 16.94
N ILE B 407 15.89 -2.74 16.50
CA ILE B 407 14.74 -2.87 17.40
C ILE B 407 13.64 -3.61 16.65
N ALA B 408 12.90 -4.45 17.37
CA ALA B 408 11.79 -5.19 16.80
C ALA B 408 10.75 -5.40 17.89
N VAL B 409 9.51 -5.70 17.47
CA VAL B 409 8.37 -5.83 18.38
C VAL B 409 7.56 -7.06 18.03
N SER B 410 6.71 -7.46 18.97
CA SER B 410 5.67 -8.45 18.73
C SER B 410 4.31 -7.79 18.86
N TYR B 411 3.36 -8.26 18.06
CA TYR B 411 2.00 -7.73 18.04
C TYR B 411 1.02 -8.76 18.55
N GLN B 412 -0.03 -8.30 19.22
CA GLN B 412 -1.07 -9.17 19.72
C GLN B 412 -2.44 -8.55 19.47
N LEU B 413 -3.38 -9.37 19.02
CA LEU B 413 -4.76 -8.94 18.81
C LEU B 413 -5.49 -8.92 20.14
N ILE B 414 -6.03 -7.75 20.49
CA ILE B 414 -6.74 -7.54 21.75
C ILE B 414 -8.05 -6.81 21.48
N ASN B 415 -9.12 -7.30 22.08
CA ASN B 415 -10.43 -6.62 22.09
C ASN B 415 -10.62 -6.03 23.47
N ASP B 416 -10.60 -4.71 23.57
CA ASP B 416 -10.82 -4.03 24.85
C ASP B 416 -12.14 -3.28 24.84
#